data_7UWW
#
_entry.id   7UWW
#
_cell.length_a   69.450
_cell.length_b   82.530
_cell.length_c   213.470
_cell.angle_alpha   90.000
_cell.angle_beta   90.000
_cell.angle_gamma   90.000
#
_symmetry.space_group_name_H-M   'P 21 21 21'
#
loop_
_entity.id
_entity.type
_entity.pdbx_description
1 polymer 'Starch Adherence System protein 6 (Sas6)'
2 branched Cyclohexakis-(1-4)-(alpha-D-glucopyranose)
3 non-polymer 1,2-ETHANEDIOL
4 non-polymer 'THIOCYANATE ION'
5 non-polymer 'CALCIUM ION'
6 water water
#
_entity_poly.entity_id   1
_entity_poly.type   'polypeptide(L)'
_entity_poly.pdbx_seq_one_letter_code
;ATSSGSEAYFDNSKYGWKDVYVYAYGTKENAEWPGELMTKEDSGLYKASFASSFKSEKIIFNNGLEKGNGKEQYPEAAGL
SLKAGECKMLTAEKQWIDYGKPDDHAYGYTLTANNTAFSTESLDVKLALKNADKGYYSVDGSAKKEFANGDSVKVGEGKI
GNSKVTLTLYATGADGVETEQTYTFKKTFTASKTTFSAKSDGHTTAPESGYYGTNPEMQLGKHKTISVDGDLSDWDSSMI
IAQGVANDDPRVYMPSSMHEQPWDAYALYSAWDDDNLYFLLEMANTTYITSPEDNFAASNEARPWRNSIPMYLALSIDPA
KQATGKAVGTNKDGSVYTNPFVWGCTNGTAKDGGTGFTTHIDTLVAFDSNNSNGGASIFKADTQDTDGTYMFNYDTRIPI
GVTSFQAQDNKNGFKIKYANGTKSTSIFGINAPKGSRVMGDNLDMNSNWVDFFDEGYKNSYGYVYEIAVPLNTLGIDRSY
IETQGIGAMQILTYGTSGMDTLPHDPSMLDQANLEYSYDPSTSHEKEDIDNITVPLARIGALLPDTEVNEAPFEVNFGAN
LNSGQSAGTPITLLAESYHATGDVTYSFTVNGETVQNSNTDSCVWTPSADGTYSIGVVAVDANGNKAESTKTFVV
;
_entity_poly.pdbx_strand_id   A,B
#
# COMPACT_ATOMS: atom_id res chain seq x y z
N SER A 4 -32.42 15.76 12.98
CA SER A 4 -33.07 14.52 12.58
C SER A 4 -32.43 13.91 11.32
N GLY A 5 -32.57 12.59 11.15
CA GLY A 5 -32.04 11.94 9.97
C GLY A 5 -30.57 11.56 10.10
N SER A 6 -29.88 11.58 8.97
CA SER A 6 -28.47 11.23 8.88
C SER A 6 -27.78 12.23 7.97
N GLU A 7 -26.43 12.24 8.02
CA GLU A 7 -25.64 13.15 7.22
C GLU A 7 -24.40 12.46 6.66
N ALA A 8 -24.05 12.80 5.44
CA ALA A 8 -22.87 12.26 4.79
C ALA A 8 -22.02 13.42 4.30
N TYR A 9 -20.72 13.37 4.59
CA TYR A 9 -19.76 14.36 4.14
C TYR A 9 -18.73 13.68 3.26
N PHE A 10 -18.19 14.43 2.30
CA PHE A 10 -17.27 13.93 1.30
C PHE A 10 -16.10 14.88 1.14
N ASP A 11 -14.88 14.35 1.22
CA ASP A 11 -13.66 15.10 0.97
C ASP A 11 -13.30 14.92 -0.50
N ASN A 12 -13.33 16.03 -1.25
CA ASN A 12 -13.12 16.08 -2.69
C ASN A 12 -11.73 16.59 -3.04
N SER A 13 -10.83 16.68 -2.06
CA SER A 13 -9.55 17.32 -2.27
C SER A 13 -8.63 16.51 -3.18
N LYS A 14 -8.84 15.20 -3.27
CA LYS A 14 -8.06 14.32 -4.13
C LYS A 14 -8.80 13.96 -5.41
N TYR A 15 -10.12 13.74 -5.32
CA TYR A 15 -10.89 13.37 -6.51
C TYR A 15 -11.04 14.54 -7.47
N GLY A 16 -11.31 15.73 -6.94
CA GLY A 16 -11.30 16.93 -7.77
C GLY A 16 -12.50 17.03 -8.69
N TRP A 17 -13.61 16.40 -8.31
CA TRP A 17 -14.82 16.45 -9.13
C TRP A 17 -15.39 17.85 -9.16
N LYS A 18 -15.90 18.26 -10.33
CA LYS A 18 -16.55 19.57 -10.42
C LYS A 18 -17.83 19.62 -9.60
N ASP A 19 -18.70 18.62 -9.78
CA ASP A 19 -19.87 18.45 -8.93
C ASP A 19 -19.82 17.09 -8.25
N VAL A 20 -20.19 17.05 -6.97
CA VAL A 20 -20.22 15.81 -6.22
C VAL A 20 -21.68 15.46 -6.03
N TYR A 21 -22.03 14.27 -6.49
CA TYR A 21 -23.32 13.65 -6.28
C TYR A 21 -23.22 12.54 -5.25
N VAL A 22 -24.32 12.32 -4.55
CA VAL A 22 -24.45 11.22 -3.60
C VAL A 22 -25.68 10.41 -3.98
N TYR A 23 -25.51 9.11 -4.10
CA TYR A 23 -26.59 8.17 -4.37
C TYR A 23 -26.77 7.29 -3.14
N ALA A 24 -27.98 7.29 -2.61
CA ALA A 24 -28.34 6.52 -1.43
C ALA A 24 -29.40 5.51 -1.78
N TYR A 25 -29.18 4.25 -1.39
CA TYR A 25 -30.17 3.20 -1.61
C TYR A 25 -30.27 2.29 -0.39
N GLY A 26 -31.43 1.66 -0.25
CA GLY A 26 -31.68 0.80 0.90
C GLY A 26 -33.13 0.94 1.31
N THR A 27 -33.38 1.48 2.51
CA THR A 27 -34.75 1.76 2.93
C THR A 27 -35.47 2.60 1.88
N LYS A 28 -34.82 3.66 1.41
CA LYS A 28 -35.34 4.48 0.33
C LYS A 28 -34.20 4.86 -0.60
N GLU A 29 -34.54 5.13 -1.85
CA GLU A 29 -33.60 5.64 -2.85
C GLU A 29 -33.77 7.16 -2.93
N ASN A 30 -32.67 7.90 -2.77
CA ASN A 30 -32.83 9.35 -2.73
C ASN A 30 -33.24 9.89 -4.10
N ALA A 31 -32.71 9.30 -5.17
CA ALA A 31 -33.06 9.66 -6.54
C ALA A 31 -32.35 8.66 -7.44
N GLU A 32 -32.86 8.52 -8.66
CA GLU A 32 -32.19 7.62 -9.59
C GLU A 32 -30.77 8.12 -9.85
N TRP A 33 -29.85 7.18 -10.07
CA TRP A 33 -28.47 7.51 -10.42
C TRP A 33 -28.47 8.68 -11.38
N PRO A 34 -27.62 9.69 -11.18
CA PRO A 34 -26.49 9.74 -10.24
C PRO A 34 -26.82 10.15 -8.79
N GLY A 35 -28.11 10.29 -8.47
CA GLY A 35 -28.48 10.71 -7.14
C GLY A 35 -28.75 12.19 -7.04
N GLU A 36 -28.35 12.80 -5.91
CA GLU A 36 -28.56 14.21 -5.68
C GLU A 36 -27.23 14.94 -5.52
N LEU A 37 -27.26 16.23 -5.85
CA LEU A 37 -26.10 17.09 -5.65
C LEU A 37 -25.83 17.29 -4.16
N MET A 38 -24.57 17.12 -3.77
CA MET A 38 -24.14 17.53 -2.45
C MET A 38 -23.83 19.03 -2.48
N THR A 39 -23.79 19.60 -1.30
CA THR A 39 -23.55 21.03 -1.09
C THR A 39 -22.14 21.25 -0.57
N LYS A 40 -21.35 22.01 -1.31
CA LYS A 40 -20.02 22.37 -0.83
C LYS A 40 -20.13 23.40 0.28
N GLU A 41 -19.39 23.17 1.35
CA GLU A 41 -19.36 24.08 2.48
C GLU A 41 -18.03 24.80 2.48
N ASP A 42 -17.94 25.88 3.26
CA ASP A 42 -16.71 26.66 3.21
C ASP A 42 -15.55 25.89 3.83
N SER A 43 -15.85 24.91 4.70
CA SER A 43 -14.85 23.95 5.15
C SER A 43 -14.16 23.21 4.01
N GLY A 44 -14.69 23.33 2.79
CA GLY A 44 -14.27 22.53 1.67
C GLY A 44 -15.02 21.22 1.53
N LEU A 45 -15.55 20.69 2.63
CA LEU A 45 -16.26 19.42 2.59
C LEU A 45 -17.58 19.58 1.85
N TYR A 46 -18.02 18.49 1.21
CA TYR A 46 -19.34 18.43 0.63
C TYR A 46 -20.27 17.69 1.57
N LYS A 47 -21.52 18.16 1.68
CA LYS A 47 -22.47 17.65 2.66
C LYS A 47 -23.79 17.27 2.02
N ALA A 48 -24.36 16.15 2.46
CA ALA A 48 -25.72 15.78 2.14
C ALA A 48 -26.44 15.36 3.41
N SER A 49 -27.75 15.60 3.44
CA SER A 49 -28.59 15.20 4.55
C SER A 49 -29.69 14.27 4.07
N PHE A 50 -30.06 13.31 4.90
CA PHE A 50 -31.12 12.35 4.59
C PHE A 50 -32.11 12.29 5.75
N ALA A 51 -33.39 12.28 5.39
CA ALA A 51 -34.46 12.35 6.37
C ALA A 51 -34.51 11.08 7.23
N SER A 52 -35.29 11.17 8.31
CA SER A 52 -35.43 10.05 9.23
C SER A 52 -35.94 8.80 8.53
N SER A 53 -36.68 9.00 7.43
CA SER A 53 -37.21 7.91 6.62
C SER A 53 -36.14 6.99 6.06
N PHE A 54 -34.92 7.50 5.86
CA PHE A 54 -33.82 6.77 5.23
C PHE A 54 -33.10 5.99 6.33
N LYS A 55 -33.76 4.93 6.77
CA LYS A 55 -33.35 4.32 8.04
C LYS A 55 -32.02 3.60 7.91
N SER A 56 -31.85 2.80 6.85
CA SER A 56 -30.58 2.11 6.61
C SER A 56 -30.26 2.21 5.13
N GLU A 57 -29.14 2.88 4.83
CA GLU A 57 -28.75 3.22 3.48
C GLU A 57 -27.32 2.76 3.20
N LYS A 58 -27.05 2.59 1.92
CA LYS A 58 -25.72 2.42 1.37
C LYS A 58 -25.48 3.63 0.47
N ILE A 59 -24.28 4.21 0.56
CA ILE A 59 -23.96 5.53 0.00
C ILE A 59 -22.89 5.36 -1.08
N ILE A 60 -23.14 5.94 -2.27
CA ILE A 60 -22.13 5.98 -3.32
C ILE A 60 -21.97 7.42 -3.79
N PHE A 61 -20.74 7.91 -3.76
CA PHE A 61 -20.40 9.25 -4.25
C PHE A 61 -19.97 9.16 -5.72
N ASN A 62 -20.35 10.16 -6.51
CA ASN A 62 -19.93 10.17 -7.91
C ASN A 62 -19.92 11.59 -8.49
N ASN A 63 -19.29 11.72 -9.66
CA ASN A 63 -19.10 13.04 -10.27
C ASN A 63 -20.22 13.39 -11.24
N GLY A 64 -21.26 12.56 -11.31
CA GLY A 64 -22.43 12.82 -12.11
C GLY A 64 -22.28 12.60 -13.59
N LEU A 65 -21.07 12.28 -14.07
CA LEU A 65 -20.83 12.13 -15.50
C LEU A 65 -21.19 10.71 -15.97
N GLU A 66 -21.47 10.61 -17.27
CA GLU A 66 -21.92 9.35 -17.84
C GLU A 66 -20.75 8.48 -18.27
N LYS A 67 -21.01 7.17 -18.38
CA LYS A 67 -20.05 6.24 -18.94
C LYS A 67 -19.62 6.77 -20.31
N GLY A 68 -18.31 6.77 -20.54
CA GLY A 68 -17.76 7.28 -21.76
C GLY A 68 -17.50 8.77 -21.78
N ASN A 69 -18.07 9.53 -20.84
CA ASN A 69 -17.81 10.96 -20.74
C ASN A 69 -17.18 11.35 -19.40
N GLY A 70 -16.48 10.42 -18.76
CA GLY A 70 -15.72 10.75 -17.58
C GLY A 70 -16.31 10.31 -16.26
N LYS A 71 -17.27 9.38 -16.28
CA LYS A 71 -17.87 8.86 -15.06
C LYS A 71 -16.81 8.40 -14.06
N GLU A 72 -16.92 8.88 -12.82
CA GLU A 72 -16.13 8.40 -11.69
C GLU A 72 -17.08 8.17 -10.52
N GLN A 73 -16.86 7.11 -9.75
CA GLN A 73 -17.65 6.90 -8.54
C GLN A 73 -16.81 6.19 -7.49
N TYR A 74 -17.26 6.29 -6.24
CA TYR A 74 -16.65 5.52 -5.14
C TYR A 74 -17.72 5.29 -4.10
N PRO A 75 -17.92 4.04 -3.62
CA PRO A 75 -17.22 2.82 -4.03
C PRO A 75 -17.69 2.33 -5.40
N GLU A 76 -17.04 1.30 -5.97
CA GLU A 76 -17.44 0.89 -7.31
C GLU A 76 -18.70 0.05 -7.30
N ALA A 77 -18.99 -0.67 -6.21
CA ALA A 77 -20.18 -1.51 -6.17
C ALA A 77 -20.98 -1.35 -4.89
N ALA A 78 -20.44 -1.80 -3.77
CA ALA A 78 -21.16 -1.82 -2.51
C ALA A 78 -21.05 -0.46 -1.83
N GLY A 79 -22.18 0.23 -1.68
CA GLY A 79 -22.17 1.50 -1.03
C GLY A 79 -21.75 1.40 0.42
N LEU A 80 -21.35 2.56 0.95
CA LEU A 80 -20.93 2.70 2.35
C LEU A 80 -22.14 2.88 3.27
N SER A 81 -22.07 2.25 4.45
CA SER A 81 -23.23 2.15 5.32
C SER A 81 -23.49 3.46 6.08
N LEU A 82 -24.77 3.85 6.12
CA LEU A 82 -25.19 5.05 6.82
C LEU A 82 -26.60 4.84 7.31
N LYS A 83 -26.81 4.99 8.62
CA LYS A 83 -28.13 4.84 9.19
C LYS A 83 -28.60 6.15 9.79
N ALA A 84 -29.91 6.29 9.90
CA ALA A 84 -30.51 7.38 10.65
C ALA A 84 -29.83 7.54 12.01
N GLY A 85 -29.51 8.78 12.37
CA GLY A 85 -28.82 9.05 13.60
C GLY A 85 -27.32 9.12 13.49
N GLU A 86 -26.76 8.81 12.32
CA GLU A 86 -25.33 8.85 12.07
C GLU A 86 -24.92 10.04 11.22
N CYS A 87 -23.65 10.44 11.38
CA CYS A 87 -23.01 11.47 10.59
C CYS A 87 -21.65 10.90 10.23
N LYS A 88 -21.39 10.66 8.95
CA LYS A 88 -20.14 10.06 8.52
C LYS A 88 -19.48 10.90 7.42
N MET A 89 -18.17 10.68 7.27
CA MET A 89 -17.36 11.41 6.32
C MET A 89 -16.50 10.41 5.56
N LEU A 90 -16.37 10.61 4.25
CA LEU A 90 -15.34 9.91 3.48
C LEU A 90 -14.12 10.81 3.39
N THR A 91 -13.05 10.41 4.05
CA THR A 91 -11.85 11.24 4.12
C THR A 91 -11.08 11.23 2.79
N ALA A 92 -10.05 12.07 2.73
CA ALA A 92 -9.17 12.11 1.56
C ALA A 92 -8.50 10.77 1.31
N GLU A 93 -8.17 10.03 2.39
CA GLU A 93 -7.59 8.70 2.34
C GLU A 93 -8.62 7.62 2.08
N LYS A 94 -9.89 7.98 1.86
CA LYS A 94 -11.00 7.09 1.56
C LYS A 94 -11.37 6.21 2.75
N GLN A 95 -11.14 6.71 3.96
CA GLN A 95 -11.71 6.10 5.16
C GLN A 95 -13.13 6.62 5.34
N TRP A 96 -14.07 5.71 5.63
CA TRP A 96 -15.47 6.04 5.96
C TRP A 96 -15.59 6.04 7.48
N ILE A 97 -15.66 7.22 8.07
CA ILE A 97 -15.51 7.41 9.51
C ILE A 97 -16.73 8.09 10.09
N ASP A 98 -16.94 7.86 11.38
CA ASP A 98 -17.85 8.71 12.16
C ASP A 98 -17.31 10.12 12.20
N TYR A 99 -18.22 11.11 12.10
CA TYR A 99 -17.86 12.54 12.08
C TYR A 99 -18.82 13.20 13.09
N GLY A 100 -18.63 12.81 14.36
CA GLY A 100 -19.60 13.18 15.37
C GLY A 100 -20.98 12.65 15.02
N LYS A 101 -21.99 13.46 15.31
CA LYS A 101 -23.38 13.09 15.15
C LYS A 101 -24.11 14.17 14.37
N PRO A 102 -25.28 13.88 13.86
CA PRO A 102 -26.00 14.90 13.06
C PRO A 102 -26.76 15.94 13.87
N ASP A 103 -26.00 16.81 14.53
CA ASP A 103 -26.49 17.90 15.37
C ASP A 103 -25.46 19.04 15.31
N ASP A 104 -25.62 20.04 16.17
CA ASP A 104 -24.76 21.21 16.18
C ASP A 104 -23.67 21.17 17.24
N HIS A 105 -23.56 20.08 18.01
CA HIS A 105 -22.53 19.99 19.03
C HIS A 105 -21.15 19.79 18.41
N ALA A 106 -20.13 20.08 19.21
CA ALA A 106 -18.76 19.73 18.90
C ALA A 106 -18.48 18.28 19.29
N TYR A 107 -17.54 17.66 18.55
CA TYR A 107 -17.16 16.28 18.80
C TYR A 107 -15.70 16.11 18.39
N GLY A 108 -14.96 15.31 19.16
CA GLY A 108 -13.68 14.78 18.69
C GLY A 108 -13.91 13.49 17.91
N TYR A 109 -13.17 13.32 16.81
CA TYR A 109 -13.30 12.12 16.00
C TYR A 109 -11.93 11.67 15.50
N THR A 110 -11.86 10.41 15.12
CA THR A 110 -10.64 9.82 14.60
C THR A 110 -10.69 9.74 13.09
N LEU A 111 -9.53 9.86 12.44
CA LEU A 111 -9.48 9.74 10.98
C LEU A 111 -9.29 8.30 10.53
N THR A 112 -9.18 7.36 11.48
CA THR A 112 -9.24 5.93 11.23
C THR A 112 -10.61 5.46 11.70
N ALA A 113 -11.28 4.65 10.89
CA ALA A 113 -12.61 4.17 11.24
C ALA A 113 -12.59 3.43 12.57
N ASN A 114 -13.66 3.62 13.35
CA ASN A 114 -13.84 2.89 14.59
C ASN A 114 -13.79 1.39 14.33
N ASN A 115 -13.26 0.66 15.32
CA ASN A 115 -13.22 -0.79 15.34
C ASN A 115 -12.27 -1.36 14.30
N THR A 116 -11.23 -0.61 13.99
CA THR A 116 -10.19 -1.08 13.10
C THR A 116 -9.20 -1.93 13.87
N ALA A 117 -8.80 -3.05 13.27
CA ALA A 117 -7.78 -3.91 13.85
C ALA A 117 -6.48 -3.75 13.10
N PHE A 118 -5.38 -3.99 13.82
CA PHE A 118 -4.05 -3.77 13.29
C PHE A 118 -3.06 -4.72 13.98
N SER A 119 -1.99 -5.06 13.25
CA SER A 119 -0.98 -6.01 13.70
C SER A 119 0.38 -5.37 13.87
N THR A 120 0.54 -4.11 13.51
CA THR A 120 1.74 -3.40 13.86
C THR A 120 1.78 -3.19 15.38
N GLU A 121 2.92 -2.70 15.85
CA GLU A 121 3.10 -2.49 17.28
C GLU A 121 2.27 -1.30 17.78
N SER A 122 2.02 -0.31 16.95
CA SER A 122 1.02 0.70 17.23
C SER A 122 0.34 1.10 15.92
N LEU A 123 -0.78 1.76 16.07
CA LEU A 123 -1.51 2.36 14.96
C LEU A 123 -1.56 3.85 15.23
N ASP A 124 -0.95 4.63 14.34
CA ASP A 124 -0.91 6.07 14.53
C ASP A 124 -2.25 6.62 14.08
N VAL A 125 -3.13 6.90 15.04
CA VAL A 125 -4.48 7.36 14.76
C VAL A 125 -4.49 8.86 14.90
N LYS A 126 -4.82 9.54 13.79
CA LYS A 126 -4.94 10.99 13.77
C LYS A 126 -6.30 11.44 14.32
N LEU A 127 -6.25 12.49 15.13
CA LEU A 127 -7.39 13.05 15.84
C LEU A 127 -7.80 14.36 15.18
N ALA A 128 -9.10 14.65 15.25
CA ALA A 128 -9.63 15.86 14.66
C ALA A 128 -10.84 16.32 15.48
N LEU A 129 -11.22 17.58 15.28
CA LEU A 129 -12.29 18.20 16.04
C LEU A 129 -13.31 18.81 15.11
N LYS A 130 -14.57 18.52 15.35
CA LYS A 130 -15.71 19.07 14.61
C LYS A 130 -16.36 20.14 15.47
N ASN A 131 -16.46 21.36 14.92
CA ASN A 131 -17.08 22.50 15.60
C ASN A 131 -16.36 22.90 16.88
N ALA A 132 -15.06 22.60 16.96
CA ALA A 132 -14.21 23.09 18.03
C ALA A 132 -12.77 23.07 17.54
N ASP A 133 -11.86 23.61 18.36
CA ASP A 133 -10.47 23.68 17.98
C ASP A 133 -9.50 23.20 19.06
N LYS A 134 -10.00 22.81 20.22
CA LYS A 134 -9.25 22.10 21.24
C LYS A 134 -10.13 20.97 21.75
N GLY A 135 -9.52 19.83 22.07
CA GLY A 135 -10.20 18.74 22.73
C GLY A 135 -9.27 18.07 23.72
N TYR A 136 -9.76 16.99 24.32
CA TYR A 136 -8.95 16.14 25.17
C TYR A 136 -9.19 14.68 24.76
N TYR A 137 -8.24 13.81 25.10
CA TYR A 137 -8.39 12.37 24.86
C TYR A 137 -7.92 11.61 26.09
N SER A 138 -8.56 10.47 26.30
CA SER A 138 -8.16 9.49 27.29
C SER A 138 -8.02 8.15 26.60
N VAL A 139 -6.88 7.49 26.78
CA VAL A 139 -6.63 6.20 26.14
C VAL A 139 -6.46 5.16 27.24
N ASP A 140 -7.32 4.14 27.21
CA ASP A 140 -7.31 3.11 28.24
C ASP A 140 -7.36 3.72 29.64
N GLY A 141 -8.19 4.73 29.80
CA GLY A 141 -8.40 5.32 31.11
C GLY A 141 -7.34 6.31 31.54
N SER A 142 -6.43 6.68 30.66
CA SER A 142 -5.44 7.68 30.99
C SER A 142 -6.11 8.96 31.46
N ALA A 143 -5.33 9.82 32.11
CA ALA A 143 -5.77 11.18 32.36
C ALA A 143 -6.01 11.90 31.04
N LYS A 144 -6.97 12.82 31.05
CA LYS A 144 -7.31 13.54 29.83
C LYS A 144 -6.15 14.42 29.43
N LYS A 145 -5.75 14.34 28.16
CA LYS A 145 -4.66 15.12 27.63
C LYS A 145 -5.17 15.92 26.44
N GLU A 146 -4.73 17.17 26.35
CA GLU A 146 -5.27 18.03 25.33
C GLU A 146 -4.76 17.60 23.96
N PHE A 147 -5.51 18.00 22.95
CA PHE A 147 -5.11 17.77 21.57
C PHE A 147 -5.78 18.79 20.67
N ALA A 148 -5.16 18.98 19.51
CA ALA A 148 -5.66 19.84 18.44
C ALA A 148 -5.69 19.05 17.15
N ASN A 149 -6.28 19.65 16.11
CA ASN A 149 -6.36 18.97 14.82
C ASN A 149 -4.97 18.50 14.37
N GLY A 150 -4.93 17.29 13.82
CA GLY A 150 -3.73 16.72 13.29
C GLY A 150 -2.90 15.91 14.26
N ASP A 151 -3.09 16.13 15.57
CA ASP A 151 -2.35 15.36 16.55
C ASP A 151 -2.61 13.86 16.38
N SER A 152 -1.74 13.07 17.00
CA SER A 152 -1.67 11.62 16.83
C SER A 152 -1.79 10.96 18.18
N VAL A 153 -2.37 9.75 18.19
CA VAL A 153 -2.30 8.86 19.34
C VAL A 153 -1.77 7.53 18.83
N LYS A 154 -0.73 7.02 19.50
CA LYS A 154 -0.16 5.71 19.16
C LYS A 154 -0.97 4.62 19.84
N VAL A 155 -2.06 4.25 19.17
CA VAL A 155 -2.99 3.26 19.69
C VAL A 155 -2.30 1.90 19.71
N GLY A 156 -2.30 1.24 20.86
CA GLY A 156 -1.63 -0.04 20.99
C GLY A 156 -0.20 0.02 21.47
N GLU A 157 0.41 1.19 21.46
CA GLU A 157 1.79 1.30 21.87
C GLU A 157 1.99 0.70 23.25
N GLY A 158 2.96 -0.18 23.34
CA GLY A 158 3.35 -0.77 24.60
C GLY A 158 2.57 -2.01 25.01
N LYS A 159 1.47 -2.30 24.32
CA LYS A 159 0.54 -3.33 24.78
C LYS A 159 0.91 -4.70 24.27
N ILE A 160 0.51 -5.71 25.04
CA ILE A 160 0.56 -7.07 24.58
C ILE A 160 -0.36 -7.22 23.37
N GLY A 161 0.01 -8.11 22.44
CA GLY A 161 -0.85 -8.39 21.30
C GLY A 161 -2.13 -9.11 21.68
N ASN A 162 -3.13 -8.99 20.79
CA ASN A 162 -4.50 -9.45 21.06
C ASN A 162 -5.08 -8.77 22.30
N SER A 163 -5.06 -7.45 22.26
CA SER A 163 -5.78 -6.64 23.24
C SER A 163 -6.52 -5.54 22.51
N LYS A 164 -7.59 -5.08 23.12
CA LYS A 164 -8.32 -3.93 22.63
C LYS A 164 -7.81 -2.66 23.31
N VAL A 165 -8.03 -1.55 22.61
CA VAL A 165 -7.67 -0.23 23.09
C VAL A 165 -8.92 0.61 23.07
N THR A 166 -9.19 1.32 24.17
CA THR A 166 -10.29 2.26 24.27
CA THR A 166 -10.29 2.26 24.25
C THR A 166 -9.73 3.67 24.21
N LEU A 167 -10.37 4.53 23.40
CA LEU A 167 -9.92 5.89 23.20
C LEU A 167 -11.16 6.78 23.23
N THR A 168 -11.22 7.66 24.21
CA THR A 168 -12.34 8.58 24.34
C THR A 168 -11.86 9.99 24.03
N LEU A 169 -12.59 10.66 23.14
CA LEU A 169 -12.34 12.04 22.74
C LEU A 169 -13.42 12.94 23.32
N TYR A 170 -12.98 14.02 23.95
CA TYR A 170 -13.83 14.99 24.61
C TYR A 170 -13.73 16.34 23.91
N ALA A 171 -14.87 16.98 23.68
CA ALA A 171 -14.91 18.31 23.10
C ALA A 171 -16.07 19.09 23.70
N THR A 172 -15.96 20.41 23.61
CA THR A 172 -17.03 21.32 24.01
C THR A 172 -17.21 22.33 22.90
N GLY A 173 -18.46 22.50 22.47
CA GLY A 173 -18.78 23.39 21.37
C GLY A 173 -19.15 24.79 21.85
N ALA A 174 -19.44 25.64 20.86
CA ALA A 174 -19.93 26.98 21.15
C ALA A 174 -21.21 26.96 21.99
N ASP A 175 -22.00 25.89 21.87
CA ASP A 175 -23.24 25.75 22.64
C ASP A 175 -23.00 25.31 24.08
N GLY A 176 -21.76 25.12 24.52
CA GLY A 176 -21.40 24.72 25.85
C GLY A 176 -21.52 23.24 26.13
N VAL A 177 -22.00 22.44 25.18
CA VAL A 177 -22.28 21.03 25.45
C VAL A 177 -21.00 20.19 25.37
N GLU A 178 -20.65 19.55 26.48
CA GLU A 178 -19.49 18.67 26.54
C GLU A 178 -19.93 17.33 25.93
N THR A 179 -19.22 16.87 24.91
CA THR A 179 -19.52 15.56 24.30
C THR A 179 -18.34 14.61 24.49
N GLU A 180 -18.64 13.32 24.28
N GLU A 180 -18.63 13.32 24.34
CA GLU A 180 -17.69 12.23 24.40
CA GLU A 180 -17.58 12.31 24.34
C GLU A 180 -17.93 11.29 23.22
C GLU A 180 -17.89 11.30 23.26
N GLN A 181 -16.83 10.82 22.61
CA GLN A 181 -16.87 9.80 21.57
C GLN A 181 -15.87 8.72 21.95
N THR A 182 -16.34 7.51 22.20
CA THR A 182 -15.50 6.40 22.60
C THR A 182 -15.28 5.45 21.42
N TYR A 183 -14.02 5.18 21.14
CA TYR A 183 -13.58 4.34 20.04
C TYR A 183 -12.92 3.09 20.59
N THR A 184 -12.99 2.01 19.82
CA THR A 184 -12.28 0.79 20.15
C THR A 184 -11.48 0.31 18.95
N PHE A 185 -10.23 -0.11 19.19
CA PHE A 185 -9.32 -0.68 18.21
C PHE A 185 -8.77 -1.99 18.78
N LYS A 186 -8.39 -2.91 17.91
CA LYS A 186 -7.82 -4.18 18.36
C LYS A 186 -6.42 -4.35 17.81
N LYS A 187 -5.46 -4.53 18.69
CA LYS A 187 -4.12 -4.91 18.34
C LYS A 187 -4.07 -6.44 18.28
N THR A 188 -3.81 -6.99 17.09
CA THR A 188 -3.77 -8.42 16.90
C THR A 188 -2.34 -8.95 16.98
N PHE A 189 -2.23 -10.20 17.38
CA PHE A 189 -0.96 -10.94 17.33
C PHE A 189 -1.23 -12.33 16.75
N THR A 190 -0.43 -12.73 15.76
CA THR A 190 -0.56 -14.06 15.15
C THR A 190 0.76 -14.81 15.30
N ALA A 191 0.73 -15.90 16.07
CA ALA A 191 1.88 -16.76 16.22
C ALA A 191 2.16 -17.48 14.91
N SER A 192 3.44 -17.70 14.62
CA SER A 192 3.80 -18.61 13.54
C SER A 192 3.19 -19.98 13.82
N LYS A 193 2.80 -20.67 12.75
CA LYS A 193 2.26 -22.02 12.84
C LYS A 193 3.17 -22.96 12.07
N THR A 194 3.34 -24.17 12.59
CA THR A 194 4.04 -25.20 11.82
C THR A 194 3.13 -25.64 10.68
N THR A 195 3.64 -25.53 9.46
CA THR A 195 2.91 -25.92 8.27
C THR A 195 3.85 -26.77 7.42
N PHE A 196 3.27 -27.47 6.46
CA PHE A 196 4.06 -28.38 5.64
C PHE A 196 3.35 -28.65 4.33
N SER A 197 4.13 -29.11 3.35
CA SER A 197 3.60 -29.54 2.07
C SER A 197 4.64 -30.39 1.33
N ALA A 198 4.17 -31.09 0.33
CA ALA A 198 4.99 -31.97 -0.51
C ALA A 198 4.69 -31.68 -1.97
N LYS A 199 5.73 -31.69 -2.80
CA LYS A 199 5.51 -31.36 -4.20
C LYS A 199 4.76 -32.48 -4.93
N SER A 200 4.94 -33.73 -4.49
CA SER A 200 4.50 -34.87 -5.28
C SER A 200 2.98 -34.97 -5.41
N ASP A 201 2.23 -34.24 -4.59
CA ASP A 201 0.77 -34.36 -4.67
C ASP A 201 0.15 -33.47 -5.72
N GLY A 202 0.94 -32.75 -6.53
CA GLY A 202 0.43 -31.89 -7.57
C GLY A 202 -0.23 -30.61 -7.12
N HIS A 203 -0.23 -30.32 -5.83
CA HIS A 203 -0.85 -29.09 -5.35
C HIS A 203 -0.04 -27.90 -5.86
N THR A 204 -0.73 -26.80 -6.09
CA THR A 204 -0.09 -25.58 -6.59
C THR A 204 -0.42 -24.36 -5.73
N THR A 205 -1.28 -24.50 -4.70
CA THR A 205 -1.61 -23.44 -3.76
C THR A 205 -1.22 -23.90 -2.36
N ALA A 206 -0.57 -23.03 -1.61
CA ALA A 206 -0.16 -23.39 -0.27
C ALA A 206 -1.39 -23.65 0.61
N PRO A 207 -1.26 -24.53 1.62
CA PRO A 207 -2.37 -24.70 2.57
C PRO A 207 -2.73 -23.36 3.20
N GLU A 208 -4.02 -23.06 3.26
CA GLU A 208 -4.47 -21.83 3.90
C GLU A 208 -4.16 -21.84 5.38
N SER A 209 -3.79 -20.66 5.88
CA SER A 209 -3.35 -20.52 7.26
CA SER A 209 -3.33 -20.50 7.25
C SER A 209 -4.12 -19.41 7.97
N GLY A 210 -3.52 -18.88 9.04
CA GLY A 210 -4.22 -17.93 9.89
C GLY A 210 -5.19 -18.67 10.79
N TYR A 211 -6.49 -18.43 10.62
CA TYR A 211 -7.48 -19.25 11.31
C TYR A 211 -7.65 -20.60 10.66
N TYR A 212 -7.34 -20.72 9.38
CA TYR A 212 -7.38 -22.02 8.72
C TYR A 212 -6.15 -22.84 9.09
N GLY A 213 -6.27 -24.15 8.95
CA GLY A 213 -5.14 -25.01 9.17
C GLY A 213 -5.36 -26.38 8.58
N THR A 214 -4.36 -26.93 7.89
CA THR A 214 -4.38 -28.28 7.41
C THR A 214 -3.45 -29.06 8.32
N ASN A 215 -3.94 -30.16 8.92
CA ASN A 215 -3.21 -30.95 9.89
C ASN A 215 -2.57 -30.04 10.97
N PRO A 216 -3.40 -29.23 11.64
CA PRO A 216 -2.86 -28.29 12.62
C PRO A 216 -2.11 -29.03 13.69
N GLU A 217 -0.98 -28.44 14.11
CA GLU A 217 -0.12 -29.04 15.11
C GLU A 217 0.27 -30.47 14.74
N MET A 218 0.37 -30.74 13.44
CA MET A 218 0.71 -32.06 12.90
C MET A 218 -0.26 -33.15 13.33
N GLN A 219 -1.52 -32.80 13.55
CA GLN A 219 -2.55 -33.77 13.88
C GLN A 219 -2.95 -34.51 12.61
N LEU A 220 -2.72 -35.83 12.59
CA LEU A 220 -3.00 -36.67 11.44
C LEU A 220 -4.14 -37.63 11.72
N GLY A 221 -4.98 -37.31 12.68
CA GLY A 221 -6.01 -38.24 13.12
C GLY A 221 -5.46 -39.21 14.14
N LYS A 222 -6.37 -39.97 14.75
CA LYS A 222 -5.96 -40.90 15.79
C LYS A 222 -6.56 -42.29 15.62
N HIS A 223 -5.76 -43.27 16.06
CA HIS A 223 -6.23 -44.63 16.12
C HIS A 223 -7.19 -44.79 17.29
N LYS A 224 -8.45 -45.01 16.96
CA LYS A 224 -9.55 -45.07 17.93
C LYS A 224 -10.78 -45.65 17.25
N THR A 225 -11.58 -46.39 18.01
CA THR A 225 -12.87 -46.81 17.49
C THR A 225 -13.93 -45.77 17.84
N ILE A 226 -14.66 -45.31 16.83
CA ILE A 226 -15.68 -44.26 16.97
C ILE A 226 -17.04 -44.94 16.93
N SER A 227 -18.01 -44.44 17.71
CA SER A 227 -19.39 -44.89 17.62
CA SER A 227 -19.40 -44.88 17.63
C SER A 227 -20.15 -43.87 16.78
N VAL A 228 -20.60 -44.28 15.60
CA VAL A 228 -21.31 -43.40 14.67
C VAL A 228 -22.75 -43.30 15.16
N ASP A 229 -23.07 -42.25 15.86
CA ASP A 229 -24.34 -42.15 16.58
C ASP A 229 -24.80 -40.72 16.81
N GLY A 230 -24.10 -39.71 16.29
CA GLY A 230 -24.46 -38.32 16.50
C GLY A 230 -24.06 -37.77 17.85
N ASP A 231 -23.58 -38.59 18.74
CA ASP A 231 -23.02 -38.15 20.01
C ASP A 231 -21.52 -37.88 19.82
N LEU A 232 -21.02 -36.83 20.48
CA LEU A 232 -19.68 -36.31 20.17
C LEU A 232 -18.65 -36.62 21.24
N SER A 233 -19.00 -37.44 22.24
CA SER A 233 -18.10 -37.68 23.38
C SER A 233 -16.88 -38.49 22.99
N ASP A 234 -16.93 -39.19 21.84
CA ASP A 234 -15.82 -40.00 21.36
C ASP A 234 -14.81 -39.23 20.53
N TRP A 235 -15.00 -37.93 20.32
CA TRP A 235 -14.08 -37.06 19.58
C TRP A 235 -13.48 -36.02 20.52
N ASP A 236 -12.31 -35.49 20.14
CA ASP A 236 -11.76 -34.33 20.81
C ASP A 236 -10.94 -33.51 19.81
N SER A 237 -10.53 -32.33 20.28
CA SER A 237 -9.93 -31.33 19.41
C SER A 237 -8.63 -31.79 18.82
N SER A 238 -7.94 -32.72 19.49
CA SER A 238 -6.66 -33.21 18.98
C SER A 238 -6.82 -34.02 17.71
N MET A 239 -8.03 -34.40 17.33
CA MET A 239 -8.27 -35.24 16.17
C MET A 239 -8.66 -34.45 14.92
N ILE A 240 -8.65 -33.11 14.98
CA ILE A 240 -8.98 -32.28 13.82
C ILE A 240 -7.82 -32.36 12.82
N ILE A 241 -8.13 -32.81 11.60
CA ILE A 241 -7.18 -32.79 10.47
C ILE A 241 -7.35 -31.61 9.54
N ALA A 242 -8.46 -30.88 9.61
CA ALA A 242 -8.64 -29.70 8.75
C ALA A 242 -9.53 -28.71 9.50
N GLN A 243 -8.97 -27.54 9.79
CA GLN A 243 -9.65 -26.48 10.51
C GLN A 243 -10.05 -25.41 9.51
N GLY A 244 -11.35 -25.19 9.41
CA GLY A 244 -11.90 -24.11 8.62
C GLY A 244 -12.27 -22.93 9.49
N VAL A 245 -13.08 -22.04 8.91
CA VAL A 245 -13.60 -20.91 9.68
C VAL A 245 -15.09 -20.83 9.42
N ALA A 246 -15.77 -20.11 10.31
CA ALA A 246 -17.17 -19.84 10.17
C ALA A 246 -17.38 -18.57 9.35
N ASN A 247 -18.52 -18.54 8.65
CA ASN A 247 -19.05 -17.36 7.98
C ASN A 247 -18.19 -16.95 6.79
N ASP A 248 -17.56 -17.94 6.15
CA ASP A 248 -16.82 -17.75 4.91
C ASP A 248 -17.45 -18.52 3.74
N ASP A 249 -18.69 -18.93 3.87
CA ASP A 249 -19.38 -19.53 2.73
C ASP A 249 -19.76 -18.44 1.73
N PRO A 250 -19.93 -18.80 0.48
CA PRO A 250 -19.97 -17.77 -0.58
C PRO A 250 -21.04 -16.71 -0.40
N ARG A 251 -22.17 -17.06 0.22
CA ARG A 251 -23.29 -16.09 0.31
C ARG A 251 -22.88 -14.81 1.00
N VAL A 252 -21.86 -14.87 1.85
CA VAL A 252 -21.48 -13.71 2.65
C VAL A 252 -20.85 -12.63 1.77
N TYR A 253 -20.46 -12.96 0.55
CA TYR A 253 -19.79 -11.99 -0.34
C TYR A 253 -20.75 -11.28 -1.27
N MET A 254 -22.02 -11.65 -1.27
CA MET A 254 -23.04 -10.93 -2.01
C MET A 254 -23.55 -9.75 -1.18
N PRO A 255 -24.15 -8.75 -1.85
CA PRO A 255 -24.70 -7.62 -1.09
C PRO A 255 -25.73 -8.02 -0.05
N SER A 256 -26.60 -8.98 -0.37
CA SER A 256 -27.67 -9.36 0.53
C SER A 256 -28.16 -10.77 0.29
N SER A 257 -27.33 -11.76 0.68
CA SER A 257 -27.67 -13.16 0.50
C SER A 257 -27.73 -13.93 1.82
N MET A 258 -27.79 -13.24 2.95
CA MET A 258 -27.84 -13.93 4.24
C MET A 258 -29.18 -14.62 4.49
N HIS A 259 -30.14 -14.41 3.61
CA HIS A 259 -31.39 -15.16 3.66
C HIS A 259 -31.24 -16.59 3.15
N GLU A 260 -30.13 -16.89 2.47
CA GLU A 260 -29.97 -18.23 1.90
C GLU A 260 -29.40 -19.21 2.94
N GLN A 261 -29.79 -20.46 2.82
CA GLN A 261 -29.24 -21.53 3.64
C GLN A 261 -27.71 -21.50 3.62
N PRO A 262 -27.06 -21.50 4.77
CA PRO A 262 -25.59 -21.56 4.78
C PRO A 262 -25.11 -22.95 4.41
N TRP A 263 -23.90 -23.00 3.83
CA TRP A 263 -23.16 -24.25 3.61
C TRP A 263 -21.76 -23.99 4.18
N ASP A 264 -21.68 -24.01 5.51
CA ASP A 264 -20.53 -23.45 6.23
C ASP A 264 -19.82 -24.56 6.98
N ALA A 265 -18.84 -25.14 6.31
CA ALA A 265 -17.99 -26.12 6.95
C ALA A 265 -17.10 -25.45 7.99
N TYR A 266 -16.92 -26.10 9.13
CA TYR A 266 -16.08 -25.54 10.19
C TYR A 266 -14.85 -26.37 10.49
N ALA A 267 -14.95 -27.68 10.71
CA ALA A 267 -13.81 -28.49 11.10
C ALA A 267 -14.09 -29.92 10.67
N LEU A 268 -13.02 -30.63 10.34
CA LEU A 268 -13.07 -32.04 9.98
C LEU A 268 -12.10 -32.82 10.84
N TYR A 269 -12.60 -33.85 11.50
CA TYR A 269 -11.86 -34.69 12.41
C TYR A 269 -11.76 -36.08 11.78
N SER A 270 -10.70 -36.84 12.13
CA SER A 270 -10.60 -38.20 11.63
C SER A 270 -9.98 -39.13 12.64
N ALA A 271 -10.41 -40.38 12.55
CA ALA A 271 -9.86 -41.49 13.29
C ALA A 271 -9.95 -42.76 12.43
N TRP A 272 -9.33 -43.83 12.91
CA TRP A 272 -9.41 -45.12 12.22
C TRP A 272 -9.24 -46.23 13.25
N ASP A 273 -9.80 -47.39 12.94
CA ASP A 273 -9.44 -48.59 13.69
C ASP A 273 -9.04 -49.64 12.66
N ASP A 274 -9.27 -50.93 12.91
CA ASP A 274 -8.92 -51.93 11.92
C ASP A 274 -10.07 -52.24 10.99
N ASP A 275 -11.25 -51.67 11.23
CA ASP A 275 -12.45 -51.90 10.43
C ASP A 275 -12.83 -50.71 9.56
N ASN A 276 -12.73 -49.51 10.11
CA ASN A 276 -13.26 -48.30 9.50
C ASN A 276 -12.28 -47.14 9.52
N LEU A 277 -12.51 -46.24 8.57
CA LEU A 277 -12.03 -44.87 8.58
C LEU A 277 -13.19 -44.00 9.03
N TYR A 278 -12.97 -43.17 10.05
CA TYR A 278 -14.04 -42.37 10.62
C TYR A 278 -13.81 -40.87 10.38
N PHE A 279 -14.92 -40.15 10.28
CA PHE A 279 -14.87 -38.70 10.20
C PHE A 279 -15.96 -38.07 11.08
N LEU A 280 -15.65 -36.91 11.65
CA LEU A 280 -16.63 -35.97 12.19
C LEU A 280 -16.51 -34.68 11.40
N LEU A 281 -17.61 -34.22 10.84
CA LEU A 281 -17.72 -32.92 10.19
C LEU A 281 -18.58 -31.99 11.05
N GLU A 282 -18.03 -30.83 11.37
CA GLU A 282 -18.74 -29.73 12.00
C GLU A 282 -19.10 -28.71 10.93
N MET A 283 -20.35 -28.32 10.88
CA MET A 283 -20.83 -27.17 10.10
C MET A 283 -21.41 -26.15 11.08
N ALA A 284 -21.14 -24.89 10.81
CA ALA A 284 -21.66 -23.79 11.62
C ALA A 284 -22.89 -23.12 11.01
N ASN A 285 -23.66 -22.44 11.86
CA ASN A 285 -24.69 -21.52 11.37
C ASN A 285 -24.67 -20.30 12.27
N THR A 286 -23.92 -19.29 11.84
CA THR A 286 -23.81 -18.03 12.56
C THR A 286 -24.89 -17.02 12.17
N THR A 287 -25.86 -17.40 11.35
CA THR A 287 -26.86 -16.41 10.92
C THR A 287 -27.67 -15.88 12.10
N TYR A 288 -27.86 -16.72 13.13
CA TYR A 288 -28.55 -16.28 14.35
C TYR A 288 -27.95 -15.00 14.90
N ILE A 289 -26.65 -14.83 14.74
CA ILE A 289 -25.93 -13.67 15.27
C ILE A 289 -25.80 -12.60 14.21
N THR A 290 -25.45 -12.97 12.99
CA THR A 290 -25.13 -11.97 11.98
C THR A 290 -26.38 -11.34 11.34
N SER A 291 -27.47 -12.05 11.27
CA SER A 291 -28.63 -11.58 10.54
C SER A 291 -29.90 -12.27 11.04
N PRO A 292 -30.26 -12.09 12.30
CA PRO A 292 -31.39 -12.85 12.86
C PRO A 292 -32.71 -12.46 12.21
N GLU A 293 -32.74 -11.32 11.51
CA GLU A 293 -33.91 -10.91 10.74
C GLU A 293 -34.23 -11.88 9.61
N ASP A 294 -33.21 -12.59 9.11
CA ASP A 294 -33.42 -13.61 8.09
C ASP A 294 -33.90 -14.87 8.79
N ASN A 295 -35.21 -15.00 8.90
CA ASN A 295 -35.83 -16.00 9.76
C ASN A 295 -35.47 -17.43 9.37
N PHE A 296 -35.59 -17.74 8.08
CA PHE A 296 -35.32 -19.10 7.63
C PHE A 296 -33.86 -19.47 7.91
N ALA A 297 -32.92 -18.63 7.49
CA ALA A 297 -31.52 -19.00 7.60
C ALA A 297 -31.07 -19.01 9.04
N ALA A 298 -31.63 -18.13 9.87
CA ALA A 298 -31.32 -18.13 11.29
C ALA A 298 -32.33 -18.99 12.06
N SER A 299 -32.38 -20.28 11.72
CA SER A 299 -33.33 -21.23 12.31
C SER A 299 -32.93 -22.62 11.84
N ASN A 300 -33.49 -23.66 12.48
CA ASN A 300 -33.17 -25.00 12.00
C ASN A 300 -33.85 -25.37 10.69
N GLU A 301 -34.64 -24.47 10.09
CA GLU A 301 -35.03 -24.69 8.70
C GLU A 301 -33.80 -24.74 7.82
N ALA A 302 -32.69 -24.17 8.27
CA ALA A 302 -31.45 -24.19 7.50
C ALA A 302 -30.66 -25.49 7.65
N ARG A 303 -31.15 -26.45 8.42
CA ARG A 303 -30.37 -27.65 8.67
C ARG A 303 -30.04 -28.33 7.33
N PRO A 304 -28.84 -28.87 7.17
CA PRO A 304 -28.45 -29.39 5.85
C PRO A 304 -29.23 -30.62 5.42
N TRP A 305 -29.89 -31.32 6.33
CA TRP A 305 -30.69 -32.48 5.94
C TRP A 305 -32.16 -32.13 5.70
N ARG A 306 -32.50 -30.85 5.56
CA ARG A 306 -33.85 -30.48 5.16
C ARG A 306 -34.21 -31.05 3.78
N ASN A 307 -33.27 -30.96 2.84
CA ASN A 307 -33.35 -31.54 1.50
C ASN A 307 -32.09 -32.39 1.29
N SER A 308 -32.08 -33.19 0.21
CA SER A 308 -30.94 -34.04 -0.13
C SER A 308 -29.99 -33.28 -1.06
N ILE A 309 -28.78 -33.01 -0.57
CA ILE A 309 -27.78 -32.19 -1.25
C ILE A 309 -26.48 -33.01 -1.28
N PRO A 310 -25.79 -33.12 -2.42
CA PRO A 310 -24.56 -33.92 -2.46
C PRO A 310 -23.49 -33.38 -1.53
N MET A 311 -22.76 -34.31 -0.92
CA MET A 311 -21.57 -34.05 -0.12
C MET A 311 -20.53 -35.07 -0.54
N TYR A 312 -19.26 -34.70 -0.46
CA TYR A 312 -18.20 -35.60 -0.93
C TYR A 312 -17.03 -35.65 0.04
N LEU A 313 -16.45 -36.83 0.22
CA LEU A 313 -15.14 -36.98 0.80
C LEU A 313 -14.22 -37.41 -0.35
N ALA A 314 -13.34 -36.53 -0.75
CA ALA A 314 -12.35 -36.82 -1.78
C ALA A 314 -11.14 -37.38 -1.07
N LEU A 315 -10.68 -38.56 -1.48
CA LEU A 315 -9.57 -39.21 -0.82
C LEU A 315 -8.46 -39.52 -1.82
N SER A 316 -7.23 -39.55 -1.32
CA SER A 316 -6.07 -39.96 -2.12
C SER A 316 -5.51 -41.20 -1.45
N ILE A 317 -5.73 -42.36 -2.06
CA ILE A 317 -5.28 -43.63 -1.49
C ILE A 317 -3.92 -43.97 -2.13
N ASP A 318 -3.90 -44.10 -3.45
CA ASP A 318 -2.64 -44.22 -4.20
C ASP A 318 -2.12 -42.82 -4.52
N PRO A 319 -1.06 -42.38 -3.88
CA PRO A 319 -0.67 -40.96 -3.98
C PRO A 319 -0.24 -40.56 -5.38
N ALA A 320 0.14 -41.53 -6.22
CA ALA A 320 0.63 -41.20 -7.54
C ALA A 320 -0.48 -40.85 -8.52
N LYS A 321 -1.72 -41.26 -8.26
CA LYS A 321 -2.78 -41.08 -9.23
C LYS A 321 -3.34 -39.68 -9.12
N GLN A 322 -3.62 -39.07 -10.28
CA GLN A 322 -4.32 -37.79 -10.40
C GLN A 322 -5.64 -37.98 -11.14
N ALA A 323 -6.75 -37.86 -10.42
CA ALA A 323 -8.08 -37.92 -11.01
C ALA A 323 -8.62 -36.50 -11.11
N THR A 324 -8.97 -36.07 -12.33
CA THR A 324 -9.41 -34.68 -12.52
C THR A 324 -10.82 -34.42 -12.01
N GLY A 325 -11.61 -35.47 -11.79
CA GLY A 325 -13.02 -35.36 -11.54
C GLY A 325 -13.88 -36.02 -12.61
N LYS A 326 -13.36 -36.12 -13.83
CA LYS A 326 -14.02 -36.77 -14.96
C LYS A 326 -14.38 -38.21 -14.61
N ALA A 327 -15.51 -38.65 -15.14
CA ALA A 327 -16.04 -39.98 -14.86
C ALA A 327 -16.29 -40.71 -16.16
N VAL A 328 -16.23 -42.04 -16.10
CA VAL A 328 -16.34 -42.90 -17.28
C VAL A 328 -17.25 -44.08 -16.95
N GLY A 329 -17.99 -44.53 -17.96
CA GLY A 329 -18.76 -45.74 -17.77
C GLY A 329 -19.06 -46.37 -19.11
N THR A 330 -19.71 -47.54 -19.05
CA THR A 330 -20.10 -48.28 -20.24
C THR A 330 -21.62 -48.44 -20.28
N ASN A 331 -22.15 -48.35 -21.48
CA ASN A 331 -23.54 -48.60 -21.82
C ASN A 331 -23.78 -50.10 -21.99
N LYS A 332 -25.06 -50.48 -22.02
CA LYS A 332 -25.39 -51.88 -22.11
C LYS A 332 -24.86 -52.49 -23.40
N ASP A 333 -24.72 -51.68 -24.45
CA ASP A 333 -24.16 -52.17 -25.71
C ASP A 333 -22.65 -52.12 -25.76
N GLY A 334 -21.99 -51.80 -24.64
CA GLY A 334 -20.54 -51.78 -24.58
C GLY A 334 -19.88 -50.48 -24.92
N SER A 335 -20.65 -49.47 -25.35
CA SER A 335 -20.08 -48.18 -25.72
C SER A 335 -19.66 -47.40 -24.47
N VAL A 336 -18.58 -46.64 -24.58
CA VAL A 336 -18.03 -45.87 -23.46
C VAL A 336 -18.55 -44.45 -23.52
N TYR A 337 -18.84 -43.89 -22.35
CA TYR A 337 -19.27 -42.49 -22.21
C TYR A 337 -18.50 -41.89 -21.04
N THR A 338 -18.40 -40.56 -21.03
CA THR A 338 -17.81 -39.81 -19.94
C THR A 338 -18.75 -38.67 -19.52
N ASN A 339 -18.67 -38.31 -18.25
CA ASN A 339 -19.27 -37.11 -17.68
C ASN A 339 -18.17 -36.26 -17.01
N PRO A 340 -18.34 -34.93 -16.92
CA PRO A 340 -17.25 -34.11 -16.37
C PRO A 340 -17.06 -34.26 -14.87
N PHE A 341 -18.13 -34.67 -14.16
CA PHE A 341 -18.10 -34.97 -12.73
C PHE A 341 -19.00 -36.18 -12.52
N VAL A 342 -18.74 -36.92 -11.43
CA VAL A 342 -19.51 -38.14 -11.18
C VAL A 342 -21.01 -37.84 -11.11
N TRP A 343 -21.37 -36.72 -10.47
CA TRP A 343 -22.74 -36.25 -10.37
C TRP A 343 -22.73 -34.82 -10.89
N GLY A 344 -23.82 -34.41 -11.57
CA GLY A 344 -23.91 -33.07 -12.14
C GLY A 344 -25.34 -32.59 -12.33
N CYS A 345 -25.72 -32.21 -13.57
CA CYS A 345 -27.12 -32.10 -13.98
C CYS A 345 -27.71 -33.49 -13.90
N THR A 346 -28.19 -33.90 -12.74
CA THR A 346 -28.57 -35.28 -12.48
C THR A 346 -29.85 -35.27 -11.65
N ASN A 347 -30.92 -35.81 -12.23
CA ASN A 347 -32.18 -36.11 -11.54
C ASN A 347 -32.72 -34.93 -10.72
N GLY A 348 -33.14 -33.91 -11.44
CA GLY A 348 -33.77 -32.80 -10.76
C GLY A 348 -32.84 -31.72 -10.27
N THR A 349 -31.52 -31.87 -10.47
CA THR A 349 -30.59 -30.74 -10.44
C THR A 349 -30.32 -30.40 -11.90
N ALA A 350 -30.76 -29.23 -12.33
CA ALA A 350 -30.60 -28.79 -13.71
C ALA A 350 -29.72 -27.56 -13.77
N LYS A 351 -28.66 -27.58 -12.97
CA LYS A 351 -27.71 -26.48 -12.87
C LYS A 351 -26.30 -26.96 -13.16
N ASP A 352 -25.53 -26.07 -13.75
CA ASP A 352 -24.11 -26.26 -13.97
C ASP A 352 -23.37 -26.38 -12.64
N GLY A 353 -22.14 -26.84 -12.73
CA GLY A 353 -21.25 -26.73 -11.59
C GLY A 353 -20.69 -28.06 -11.15
N GLY A 354 -19.48 -28.01 -10.61
CA GLY A 354 -18.83 -29.17 -10.04
C GLY A 354 -17.49 -28.76 -9.51
N THR A 355 -16.78 -29.73 -8.94
CA THR A 355 -15.45 -29.50 -8.38
C THR A 355 -14.51 -30.50 -9.03
N GLY A 356 -13.49 -29.99 -9.73
CA GLY A 356 -12.41 -30.78 -10.27
C GLY A 356 -11.20 -30.71 -9.34
N PHE A 357 -10.16 -31.47 -9.70
CA PHE A 357 -9.00 -31.65 -8.86
C PHE A 357 -7.71 -31.56 -9.67
N THR A 358 -6.83 -30.68 -9.24
CA THR A 358 -5.41 -30.70 -9.59
C THR A 358 -4.62 -31.48 -8.55
N THR A 359 -4.79 -31.14 -7.29
CA THR A 359 -4.23 -31.94 -6.21
C THR A 359 -4.67 -33.38 -6.38
N HIS A 360 -3.75 -34.32 -6.14
CA HIS A 360 -4.03 -35.73 -6.44
C HIS A 360 -5.11 -36.31 -5.53
N ILE A 361 -6.14 -36.90 -6.15
CA ILE A 361 -7.11 -37.76 -5.49
C ILE A 361 -7.35 -38.96 -6.41
N ASP A 362 -7.95 -39.99 -5.85
CA ASP A 362 -8.29 -41.16 -6.67
C ASP A 362 -9.56 -41.83 -6.19
N THR A 363 -10.29 -41.26 -5.23
CA THR A 363 -11.46 -41.87 -4.64
C THR A 363 -12.47 -40.79 -4.28
N LEU A 364 -13.74 -41.00 -4.58
CA LEU A 364 -14.77 -40.05 -4.15
C LEU A 364 -15.86 -40.81 -3.42
N VAL A 365 -16.04 -40.49 -2.15
CA VAL A 365 -17.20 -40.98 -1.38
C VAL A 365 -18.31 -39.97 -1.64
N ALA A 366 -19.28 -40.35 -2.44
CA ALA A 366 -20.33 -39.47 -2.91
C ALA A 366 -21.58 -39.82 -2.11
N PHE A 367 -21.94 -38.94 -1.18
CA PHE A 367 -23.09 -39.19 -0.31
C PHE A 367 -23.98 -37.96 -0.32
N ASP A 368 -24.96 -37.90 0.59
CA ASP A 368 -25.93 -36.81 0.54
C ASP A 368 -26.38 -36.43 1.95
N SER A 369 -26.78 -35.16 2.06
CA SER A 369 -26.95 -34.45 3.32
C SER A 369 -28.08 -34.96 4.22
N ASN A 370 -29.09 -35.65 3.68
CA ASN A 370 -30.06 -36.32 4.55
C ASN A 370 -30.04 -37.82 4.34
N ASN A 371 -29.01 -38.34 3.71
CA ASN A 371 -28.82 -39.77 3.51
C ASN A 371 -30.07 -40.45 2.95
N SER A 372 -30.57 -39.90 1.85
CA SER A 372 -31.74 -40.43 1.17
C SER A 372 -31.44 -40.79 -0.28
N ASN A 373 -30.22 -40.59 -0.75
CA ASN A 373 -29.89 -40.82 -2.15
C ASN A 373 -29.41 -42.27 -2.28
N GLY A 374 -30.27 -43.12 -2.85
CA GLY A 374 -29.97 -44.53 -2.94
C GLY A 374 -28.80 -44.83 -3.85
N GLY A 375 -28.39 -43.84 -4.65
CA GLY A 375 -27.24 -43.87 -5.53
C GLY A 375 -25.93 -43.47 -4.90
N ALA A 376 -25.91 -43.12 -3.61
CA ALA A 376 -24.64 -42.84 -2.95
C ALA A 376 -23.64 -43.97 -3.20
N SER A 377 -22.40 -43.60 -3.48
CA SER A 377 -21.44 -44.56 -3.98
C SER A 377 -20.03 -44.14 -3.62
N ILE A 378 -19.13 -45.12 -3.53
CA ILE A 378 -17.69 -44.87 -3.51
C ILE A 378 -17.15 -45.12 -4.91
N PHE A 379 -16.70 -44.04 -5.55
CA PHE A 379 -16.15 -44.09 -6.90
C PHE A 379 -14.63 -44.24 -6.82
N LYS A 380 -14.11 -45.07 -7.68
CA LYS A 380 -12.68 -45.33 -7.77
C LYS A 380 -12.19 -44.83 -9.13
N ALA A 381 -11.10 -44.07 -9.10
CA ALA A 381 -10.48 -43.57 -10.35
C ALA A 381 -9.51 -44.63 -10.85
N ASP A 382 -10.06 -45.62 -11.54
CA ASP A 382 -9.35 -46.87 -11.85
C ASP A 382 -9.09 -47.03 -13.34
N THR A 383 -9.42 -46.03 -14.14
CA THR A 383 -9.28 -46.09 -15.59
C THR A 383 -8.49 -44.87 -16.04
N GLN A 384 -7.38 -45.10 -16.73
CA GLN A 384 -6.56 -44.01 -17.20
C GLN A 384 -7.12 -43.40 -18.48
N ASP A 385 -7.13 -42.09 -18.55
CA ASP A 385 -7.52 -41.34 -19.72
C ASP A 385 -6.31 -41.14 -20.63
N THR A 386 -6.55 -40.57 -21.82
CA THR A 386 -5.46 -40.41 -22.79
C THR A 386 -4.32 -39.56 -22.24
N ASP A 387 -4.64 -38.58 -21.40
CA ASP A 387 -3.67 -37.65 -20.86
C ASP A 387 -2.94 -38.19 -19.63
N GLY A 388 -3.16 -39.44 -19.23
CA GLY A 388 -2.49 -40.01 -18.08
C GLY A 388 -3.19 -39.80 -16.75
N THR A 389 -4.17 -38.93 -16.70
CA THR A 389 -5.00 -38.80 -15.52
C THR A 389 -5.95 -39.99 -15.44
N TYR A 390 -6.63 -40.12 -14.32
CA TYR A 390 -7.53 -41.23 -14.09
C TYR A 390 -8.97 -40.74 -13.98
N MET A 391 -9.89 -41.59 -14.41
CA MET A 391 -11.32 -41.30 -14.43
C MET A 391 -12.07 -42.19 -13.44
N PHE A 392 -13.00 -41.57 -12.72
CA PHE A 392 -13.89 -42.29 -11.81
C PHE A 392 -14.85 -43.20 -12.57
N ASN A 393 -14.93 -44.46 -12.16
CA ASN A 393 -15.61 -45.47 -12.96
C ASN A 393 -17.01 -45.79 -12.44
N TYR A 394 -18.02 -45.45 -13.24
CA TYR A 394 -19.37 -45.83 -12.85
C TYR A 394 -19.50 -47.34 -12.73
N ASP A 395 -18.76 -48.09 -13.56
CA ASP A 395 -19.00 -49.54 -13.64
C ASP A 395 -18.52 -50.28 -12.39
N THR A 396 -17.54 -49.73 -11.67
CA THR A 396 -16.92 -50.42 -10.54
C THR A 396 -17.22 -49.74 -9.21
N ARG A 397 -18.12 -48.77 -9.20
CA ARG A 397 -18.39 -48.04 -7.96
C ARG A 397 -18.97 -48.97 -6.90
N ILE A 398 -18.72 -48.65 -5.64
CA ILE A 398 -19.23 -49.43 -4.52
C ILE A 398 -20.52 -48.77 -4.01
N PRO A 399 -21.67 -49.42 -4.12
CA PRO A 399 -22.89 -48.78 -3.59
C PRO A 399 -22.88 -48.66 -2.07
N ILE A 400 -23.21 -47.47 -1.58
CA ILE A 400 -23.31 -47.25 -0.14
C ILE A 400 -24.64 -46.60 0.23
N GLY A 401 -25.56 -46.52 -0.73
CA GLY A 401 -26.82 -45.86 -0.49
C GLY A 401 -27.79 -46.69 0.35
N VAL A 402 -28.77 -46.00 0.93
CA VAL A 402 -29.88 -46.68 1.63
C VAL A 402 -30.74 -47.44 0.63
N THR A 403 -31.51 -48.38 1.13
CA THR A 403 -32.59 -48.96 0.34
C THR A 403 -33.90 -48.20 0.54
N SER A 404 -34.09 -47.60 1.72
CA SER A 404 -35.20 -46.69 1.98
C SER A 404 -34.71 -45.58 2.87
N PHE A 405 -35.16 -44.34 2.60
CA PHE A 405 -34.78 -43.24 3.49
C PHE A 405 -35.18 -43.57 4.92
N GLN A 406 -36.42 -44.01 5.11
CA GLN A 406 -36.90 -44.33 6.45
C GLN A 406 -35.97 -45.32 7.15
N ALA A 407 -35.45 -46.30 6.40
CA ALA A 407 -34.71 -47.38 7.05
C ALA A 407 -33.27 -46.97 7.41
N GLN A 408 -32.68 -46.05 6.66
CA GLN A 408 -31.30 -45.62 6.90
C GLN A 408 -30.36 -46.83 6.94
N ASP A 409 -30.51 -47.69 5.93
CA ASP A 409 -29.80 -48.97 5.89
C ASP A 409 -28.80 -48.94 4.73
N ASN A 410 -27.70 -48.23 4.95
CA ASN A 410 -26.72 -48.07 3.88
C ASN A 410 -26.03 -49.39 3.57
N LYS A 411 -25.72 -49.56 2.29
CA LYS A 411 -25.05 -50.74 1.79
C LYS A 411 -23.56 -50.71 2.09
N ASN A 412 -22.98 -51.91 2.14
CA ASN A 412 -21.54 -52.15 2.20
C ASN A 412 -20.85 -51.54 3.42
N GLY A 413 -21.59 -51.41 4.50
CA GLY A 413 -21.04 -51.00 5.79
C GLY A 413 -20.82 -49.52 6.00
N PHE A 414 -21.19 -48.70 5.02
CA PHE A 414 -21.13 -47.25 5.20
C PHE A 414 -22.07 -46.83 6.33
N LYS A 415 -21.59 -45.95 7.21
CA LYS A 415 -22.42 -45.47 8.31
C LYS A 415 -22.40 -43.95 8.28
N ILE A 416 -23.56 -43.34 8.46
CA ILE A 416 -23.67 -41.88 8.53
C ILE A 416 -24.79 -41.54 9.50
N LYS A 417 -24.49 -40.62 10.42
CA LYS A 417 -25.47 -40.05 11.36
C LYS A 417 -25.28 -38.52 11.33
N TYR A 418 -26.39 -37.79 11.35
CA TYR A 418 -26.34 -36.34 11.45
C TYR A 418 -27.25 -35.83 12.57
N ALA A 419 -26.89 -34.67 13.11
CA ALA A 419 -27.56 -34.13 14.29
C ALA A 419 -27.17 -32.66 14.45
N ASN A 420 -28.00 -31.95 15.17
CA ASN A 420 -27.57 -30.66 15.70
C ASN A 420 -26.49 -30.88 16.75
N GLY A 421 -25.57 -29.93 16.83
CA GLY A 421 -24.54 -29.97 17.84
C GLY A 421 -23.28 -29.29 17.34
N THR A 422 -22.34 -29.16 18.28
CA THR A 422 -21.07 -28.47 18.11
C THR A 422 -20.08 -29.16 19.02
N LYS A 423 -18.90 -29.54 18.49
CA LYS A 423 -17.83 -30.14 19.28
C LYS A 423 -16.83 -29.08 19.72
N SER A 424 -16.45 -28.19 18.81
CA SER A 424 -15.54 -27.12 19.12
C SER A 424 -16.14 -26.24 20.22
N THR A 425 -15.26 -25.64 21.04
CA THR A 425 -15.69 -24.68 22.05
C THR A 425 -15.40 -23.24 21.64
N SER A 426 -14.75 -23.03 20.49
CA SER A 426 -14.57 -21.74 19.81
C SER A 426 -15.10 -21.89 18.39
N ILE A 427 -15.76 -20.82 17.89
CA ILE A 427 -16.25 -20.75 16.52
C ILE A 427 -15.74 -19.44 15.93
N PHE A 428 -14.60 -19.51 15.25
CA PHE A 428 -13.96 -18.29 14.75
C PHE A 428 -14.45 -17.96 13.35
N GLY A 429 -14.76 -16.69 13.12
CA GLY A 429 -15.07 -16.19 11.79
C GLY A 429 -15.22 -14.70 11.84
N ILE A 430 -15.45 -14.13 10.66
CA ILE A 430 -15.55 -12.68 10.49
C ILE A 430 -16.99 -12.25 10.74
N ASN A 431 -17.15 -11.19 11.54
CA ASN A 431 -18.45 -10.66 11.91
C ASN A 431 -18.61 -9.23 11.43
N ALA A 432 -18.11 -8.95 10.22
CA ALA A 432 -18.31 -7.66 9.60
C ALA A 432 -19.77 -7.49 9.18
N PRO A 433 -20.23 -6.24 9.06
CA PRO A 433 -21.63 -6.02 8.66
C PRO A 433 -21.93 -6.66 7.31
N LYS A 434 -23.17 -7.14 7.17
CA LYS A 434 -23.62 -7.71 5.91
C LYS A 434 -23.37 -6.75 4.75
N GLY A 435 -23.01 -7.32 3.61
CA GLY A 435 -22.68 -6.53 2.44
C GLY A 435 -21.26 -6.02 2.37
N SER A 436 -20.57 -5.92 3.51
CA SER A 436 -19.28 -5.26 3.62
C SER A 436 -18.09 -6.19 3.37
N ARG A 437 -18.32 -7.47 3.16
CA ARG A 437 -17.21 -8.40 3.00
C ARG A 437 -16.44 -8.11 1.70
N VAL A 438 -15.13 -8.31 1.76
CA VAL A 438 -14.29 -8.18 0.57
C VAL A 438 -13.45 -9.41 0.30
N MET A 439 -13.07 -9.58 -0.97
CA MET A 439 -12.30 -10.75 -1.38
C MET A 439 -10.97 -10.87 -0.64
N GLY A 440 -10.64 -12.10 -0.21
CA GLY A 440 -9.44 -12.34 0.54
C GLY A 440 -9.55 -12.03 2.02
N ASP A 441 -10.69 -11.50 2.48
CA ASP A 441 -10.72 -11.04 3.85
C ASP A 441 -10.60 -12.18 4.85
N ASN A 442 -10.89 -13.43 4.43
CA ASN A 442 -10.72 -14.60 5.29
CA ASN A 442 -10.71 -14.58 5.30
C ASN A 442 -9.25 -14.91 5.56
N LEU A 443 -8.32 -14.30 4.82
CA LEU A 443 -6.90 -14.51 5.01
C LEU A 443 -6.20 -13.28 5.60
N ASP A 444 -6.95 -12.20 5.89
CA ASP A 444 -6.45 -10.98 6.51
C ASP A 444 -6.71 -11.05 8.02
N MET A 445 -5.64 -11.11 8.80
CA MET A 445 -5.78 -11.21 10.24
C MET A 445 -6.36 -9.94 10.87
N ASN A 446 -6.41 -8.85 10.12
CA ASN A 446 -6.99 -7.60 10.62
C ASN A 446 -8.43 -7.40 10.18
N SER A 447 -9.06 -8.39 9.57
CA SER A 447 -10.50 -8.36 9.44
C SER A 447 -11.12 -8.48 10.83
N ASN A 448 -12.44 -8.34 10.89
CA ASN A 448 -13.14 -8.32 12.17
C ASN A 448 -13.46 -9.74 12.63
N TRP A 449 -12.43 -10.41 13.09
CA TRP A 449 -12.58 -11.77 13.57
C TRP A 449 -13.15 -11.78 14.98
N VAL A 450 -14.09 -12.68 15.23
CA VAL A 450 -14.63 -12.95 16.54
C VAL A 450 -14.61 -14.45 16.78
N ASP A 451 -14.71 -14.82 18.05
CA ASP A 451 -15.20 -16.15 18.47
C ASP A 451 -16.70 -16.01 18.70
N PHE A 452 -17.51 -16.62 17.83
CA PHE A 452 -18.94 -16.42 17.93
C PHE A 452 -19.51 -16.91 19.25
N PHE A 453 -18.81 -17.79 19.98
CA PHE A 453 -19.30 -18.18 21.29
C PHE A 453 -19.27 -17.00 22.26
N ASP A 454 -18.45 -15.98 21.98
CA ASP A 454 -18.47 -14.74 22.76
C ASP A 454 -19.55 -13.78 22.29
N GLU A 455 -20.34 -14.14 21.28
CA GLU A 455 -21.36 -13.29 20.68
C GLU A 455 -22.73 -13.96 20.69
N GLY A 456 -22.89 -14.99 21.50
CA GLY A 456 -24.19 -15.61 21.67
C GLY A 456 -24.36 -16.96 21.00
N TYR A 457 -23.32 -17.51 20.39
CA TYR A 457 -23.46 -18.81 19.74
C TYR A 457 -23.81 -19.86 20.78
N LYS A 458 -24.60 -20.85 20.33
CA LYS A 458 -24.96 -22.01 21.13
C LYS A 458 -24.67 -23.29 20.37
N ASN A 459 -24.38 -24.37 21.12
CA ASN A 459 -24.03 -25.65 20.51
C ASN A 459 -25.07 -26.08 19.50
N SER A 460 -26.37 -25.89 19.83
CA SER A 460 -27.49 -26.36 19.01
C SER A 460 -27.66 -25.58 17.70
N TYR A 461 -26.90 -24.50 17.49
CA TYR A 461 -27.02 -23.76 16.24
C TYR A 461 -26.40 -24.55 15.10
N GLY A 462 -25.36 -25.33 15.39
CA GLY A 462 -24.58 -26.00 14.37
C GLY A 462 -25.08 -27.41 14.10
N TYR A 463 -24.35 -28.07 13.18
CA TYR A 463 -24.71 -29.36 12.65
C TYR A 463 -23.46 -30.23 12.62
N VAL A 464 -23.66 -31.53 12.84
CA VAL A 464 -22.56 -32.47 12.82
C VAL A 464 -22.95 -33.70 12.02
N TYR A 465 -21.98 -34.26 11.31
CA TYR A 465 -22.08 -35.54 10.62
C TYR A 465 -20.97 -36.44 11.14
N GLU A 466 -21.33 -37.66 11.57
CA GLU A 466 -20.38 -38.70 11.90
C GLU A 466 -20.48 -39.76 10.83
N ILE A 467 -19.32 -40.20 10.33
CA ILE A 467 -19.27 -41.09 9.17
C ILE A 467 -18.26 -42.21 9.42
N ALA A 468 -18.63 -43.43 9.00
CA ALA A 468 -17.69 -44.54 8.95
C ALA A 468 -17.61 -45.06 7.52
N VAL A 469 -16.39 -45.17 7.00
CA VAL A 469 -16.13 -45.73 5.68
C VAL A 469 -15.31 -47.00 5.92
N PRO A 470 -15.86 -48.20 5.64
CA PRO A 470 -15.07 -49.41 5.91
C PRO A 470 -13.80 -49.42 5.10
N LEU A 471 -12.72 -49.82 5.78
CA LEU A 471 -11.44 -49.88 5.11
C LEU A 471 -11.49 -50.82 3.91
N ASN A 472 -12.31 -51.89 3.98
CA ASN A 472 -12.32 -52.80 2.84
C ASN A 472 -13.06 -52.23 1.63
N THR A 473 -13.71 -51.08 1.75
CA THR A 473 -14.21 -50.41 0.56
C THR A 473 -13.17 -49.48 -0.06
N LEU A 474 -12.06 -49.24 0.62
CA LEU A 474 -11.00 -48.34 0.15
C LEU A 474 -9.75 -49.08 -0.29
N GLY A 475 -9.73 -50.40 -0.19
CA GLY A 475 -8.53 -51.16 -0.53
C GLY A 475 -7.35 -50.95 0.39
N ILE A 476 -7.59 -50.66 1.67
CA ILE A 476 -6.52 -50.37 2.61
C ILE A 476 -6.81 -51.10 3.91
N ASP A 477 -5.83 -51.04 4.81
CA ASP A 477 -5.97 -51.54 6.17
C ASP A 477 -5.31 -50.58 7.12
N ARG A 478 -5.35 -50.90 8.41
CA ARG A 478 -4.78 -49.98 9.39
C ARG A 478 -3.28 -49.80 9.17
N SER A 479 -2.56 -50.87 8.82
CA SER A 479 -1.14 -50.73 8.57
CA SER A 479 -1.14 -50.73 8.57
C SER A 479 -0.87 -49.71 7.47
N TYR A 480 -1.66 -49.73 6.40
CA TYR A 480 -1.46 -48.76 5.32
C TYR A 480 -1.65 -47.33 5.82
N ILE A 481 -2.74 -47.08 6.55
CA ILE A 481 -2.96 -45.75 7.09
C ILE A 481 -1.79 -45.29 7.95
N GLU A 482 -1.31 -46.16 8.84
CA GLU A 482 -0.30 -45.73 9.79
C GLU A 482 1.10 -45.67 9.19
N THR A 483 1.33 -46.37 8.10
CA THR A 483 2.67 -46.39 7.52
C THR A 483 2.77 -45.52 6.27
N GLN A 484 1.88 -45.66 5.29
CA GLN A 484 1.90 -44.77 4.14
C GLN A 484 1.00 -43.57 4.32
N GLY A 485 -0.12 -43.70 5.02
CA GLY A 485 -1.10 -42.64 5.15
C GLY A 485 -1.97 -42.46 3.91
N ILE A 486 -3.02 -41.61 4.06
CA ILE A 486 -3.90 -41.24 2.95
C ILE A 486 -4.19 -39.75 3.08
N GLY A 487 -4.83 -39.18 2.06
CA GLY A 487 -5.28 -37.79 2.09
C GLY A 487 -6.79 -37.69 2.00
N ALA A 488 -7.34 -36.64 2.60
CA ALA A 488 -8.78 -36.42 2.57
C ALA A 488 -9.14 -34.95 2.46
N MET A 489 -10.28 -34.69 1.80
CA MET A 489 -10.92 -33.37 1.79
C MET A 489 -12.44 -33.56 1.77
N GLN A 490 -13.12 -32.82 2.64
CA GLN A 490 -14.58 -32.75 2.61
C GLN A 490 -15.00 -31.64 1.67
N ILE A 491 -15.98 -31.93 0.83
CA ILE A 491 -16.58 -30.94 -0.04
C ILE A 491 -18.07 -30.79 0.29
N LEU A 492 -18.51 -29.54 0.48
CA LEU A 492 -19.91 -29.18 0.61
C LEU A 492 -20.36 -28.49 -0.68
N THR A 493 -21.57 -28.80 -1.11
CA THR A 493 -22.20 -28.17 -2.27
C THR A 493 -23.55 -27.55 -1.86
N TYR A 494 -24.14 -26.83 -2.81
CA TYR A 494 -25.56 -26.52 -2.73
C TYR A 494 -26.27 -27.15 -3.91
N GLY A 495 -25.85 -28.36 -4.27
CA GLY A 495 -26.48 -29.11 -5.31
C GLY A 495 -25.54 -29.65 -6.37
N THR A 496 -24.56 -28.84 -6.78
CA THR A 496 -23.63 -29.16 -7.85
C THR A 496 -22.21 -28.69 -7.52
N SER A 497 -21.97 -27.38 -7.71
CA SER A 497 -20.67 -26.76 -7.43
C SER A 497 -20.33 -26.79 -5.95
N GLY A 498 -19.04 -26.78 -5.67
CA GLY A 498 -18.61 -26.62 -4.29
C GLY A 498 -18.94 -25.25 -3.75
N MET A 499 -19.16 -25.20 -2.45
CA MET A 499 -19.37 -23.99 -1.66
C MET A 499 -18.34 -23.78 -0.57
N ASP A 500 -17.87 -24.84 0.07
CA ASP A 500 -16.91 -24.80 1.17
C ASP A 500 -16.21 -26.15 1.16
N THR A 501 -14.95 -26.16 1.57
CA THR A 501 -14.17 -27.39 1.66
C THR A 501 -13.32 -27.37 2.95
N LEU A 502 -12.96 -28.57 3.41
CA LEU A 502 -11.98 -28.73 4.48
C LEU A 502 -10.94 -29.78 4.07
N PRO A 503 -9.68 -29.41 3.85
CA PRO A 503 -9.14 -28.06 4.00
C PRO A 503 -9.79 -27.07 3.06
N HIS A 504 -9.76 -25.80 3.44
CA HIS A 504 -10.39 -24.77 2.64
C HIS A 504 -9.54 -24.50 1.39
N ASP A 505 -10.22 -24.38 0.26
CA ASP A 505 -9.60 -24.09 -1.01
C ASP A 505 -10.11 -22.79 -1.60
N PRO A 506 -9.22 -21.94 -2.13
CA PRO A 506 -9.66 -20.61 -2.60
C PRO A 506 -10.61 -20.67 -3.78
N SER A 507 -10.70 -21.80 -4.50
CA SER A 507 -11.66 -21.85 -5.57
C SER A 507 -13.09 -21.84 -5.04
N MET A 508 -13.28 -21.98 -3.71
CA MET A 508 -14.64 -21.91 -3.19
C MET A 508 -15.16 -20.46 -3.18
N LEU A 509 -14.26 -19.49 -3.28
CA LEU A 509 -14.60 -18.08 -3.15
C LEU A 509 -14.10 -17.22 -4.29
N ASP A 510 -13.47 -17.80 -5.31
CA ASP A 510 -12.89 -16.99 -6.39
C ASP A 510 -13.93 -16.24 -7.18
N GLN A 511 -15.20 -16.68 -7.17
CA GLN A 511 -16.31 -16.03 -7.85
C GLN A 511 -17.50 -15.82 -6.91
N ALA A 512 -17.23 -15.64 -5.61
CA ALA A 512 -18.30 -15.60 -4.63
C ALA A 512 -19.18 -14.35 -4.77
N ASN A 513 -18.59 -13.26 -5.24
CA ASN A 513 -19.30 -11.99 -5.39
C ASN A 513 -19.97 -11.82 -6.76
N LEU A 514 -19.94 -12.85 -7.61
CA LEU A 514 -20.61 -12.84 -8.89
C LEU A 514 -22.02 -13.44 -8.75
N GLU A 515 -22.91 -13.03 -9.66
CA GLU A 515 -24.34 -13.31 -9.57
C GLU A 515 -24.68 -14.70 -10.09
N TYR A 516 -25.49 -15.43 -9.33
CA TYR A 516 -26.10 -16.68 -9.78
C TYR A 516 -27.03 -16.44 -10.95
N SER A 517 -26.87 -17.29 -11.98
CA SER A 517 -27.63 -17.13 -13.22
C SER A 517 -29.12 -16.99 -12.98
N TYR A 518 -29.69 -17.76 -12.07
CA TYR A 518 -31.14 -17.84 -11.90
C TYR A 518 -31.68 -16.85 -10.88
N ASP A 519 -30.82 -16.12 -10.20
CA ASP A 519 -31.19 -15.25 -9.09
C ASP A 519 -29.97 -14.40 -8.72
N PRO A 520 -29.86 -13.17 -9.24
CA PRO A 520 -28.65 -12.39 -9.01
C PRO A 520 -28.48 -11.88 -7.58
N SER A 521 -29.43 -12.15 -6.69
CA SER A 521 -29.23 -11.85 -5.28
C SER A 521 -28.30 -12.85 -4.57
N THR A 522 -28.01 -13.99 -5.20
CA THR A 522 -27.23 -15.07 -4.59
C THR A 522 -26.00 -15.37 -5.45
N SER A 523 -25.15 -16.27 -4.93
CA SER A 523 -23.77 -16.37 -5.40
C SER A 523 -23.62 -17.37 -6.54
N HIS A 524 -22.87 -16.96 -7.56
CA HIS A 524 -22.45 -17.77 -8.69
C HIS A 524 -21.63 -18.99 -8.26
N GLU A 525 -21.10 -19.00 -7.04
CA GLU A 525 -20.34 -20.14 -6.57
C GLU A 525 -21.20 -21.40 -6.49
N LYS A 526 -22.53 -21.25 -6.49
CA LYS A 526 -23.42 -22.41 -6.49
C LYS A 526 -23.39 -23.19 -7.81
N GLU A 527 -22.88 -22.59 -8.88
CA GLU A 527 -22.99 -23.17 -10.20
C GLU A 527 -21.71 -23.13 -11.04
N ASP A 528 -20.58 -22.67 -10.49
CA ASP A 528 -19.38 -22.55 -11.29
C ASP A 528 -18.54 -23.82 -11.20
N ILE A 529 -17.40 -23.82 -11.89
CA ILE A 529 -16.48 -24.95 -11.87
C ILE A 529 -15.30 -24.60 -10.97
N ASP A 530 -15.16 -25.34 -9.88
CA ASP A 530 -14.13 -25.15 -8.88
C ASP A 530 -13.04 -26.14 -9.24
N ASN A 531 -11.83 -25.88 -8.76
CA ASN A 531 -10.72 -26.79 -9.05
C ASN A 531 -9.75 -26.76 -7.87
N ILE A 532 -9.55 -27.90 -7.24
CA ILE A 532 -8.83 -27.97 -5.97
C ILE A 532 -7.34 -27.98 -6.24
N THR A 533 -6.63 -27.06 -5.59
CA THR A 533 -5.19 -26.93 -5.75
C THR A 533 -4.39 -26.90 -4.45
N VAL A 534 -5.04 -26.91 -3.28
CA VAL A 534 -4.37 -26.93 -1.99
C VAL A 534 -4.13 -28.39 -1.59
N PRO A 535 -3.21 -28.64 -0.66
CA PRO A 535 -3.05 -30.01 -0.17
C PRO A 535 -4.29 -30.55 0.51
N LEU A 536 -4.52 -31.84 0.32
CA LEU A 536 -5.42 -32.58 1.17
C LEU A 536 -4.91 -32.64 2.61
N ALA A 537 -5.81 -32.93 3.54
CA ALA A 537 -5.44 -33.22 4.91
C ALA A 537 -4.92 -34.66 5.00
N ARG A 538 -3.76 -34.83 5.59
CA ARG A 538 -3.24 -36.19 5.70
C ARG A 538 -3.89 -36.91 6.88
N ILE A 539 -4.00 -38.23 6.71
CA ILE A 539 -4.47 -39.14 7.76
C ILE A 539 -3.41 -40.22 7.95
N GLY A 540 -3.01 -40.43 9.19
CA GLY A 540 -2.05 -41.49 9.52
C GLY A 540 -0.59 -41.18 9.33
N ALA A 541 -0.20 -40.67 8.16
CA ALA A 541 1.21 -40.42 7.88
C ALA A 541 1.37 -39.35 6.80
N LEU A 542 2.49 -38.63 6.90
CA LEU A 542 2.83 -37.62 5.89
C LEU A 542 3.27 -38.26 4.59
N LEU A 543 3.05 -37.53 3.49
CA LEU A 543 3.69 -37.90 2.23
C LEU A 543 5.21 -37.95 2.40
N PRO A 544 5.90 -38.80 1.63
CA PRO A 544 7.33 -38.97 1.93
C PRO A 544 8.19 -37.75 1.68
N ASP A 545 7.89 -36.95 0.65
CA ASP A 545 8.68 -35.77 0.32
C ASP A 545 8.15 -34.52 1.01
N THR A 546 7.55 -34.65 2.19
CA THR A 546 7.03 -33.50 2.91
C THR A 546 8.16 -32.65 3.46
N GLU A 547 8.10 -31.36 3.21
CA GLU A 547 8.95 -30.37 3.84
C GLU A 547 8.16 -29.67 4.94
N VAL A 548 8.65 -29.76 6.17
CA VAL A 548 7.97 -29.20 7.33
C VAL A 548 8.61 -27.86 7.69
N ASN A 549 7.78 -26.80 7.79
CA ASN A 549 8.23 -25.47 8.18
CA ASN A 549 8.25 -25.46 8.18
C ASN A 549 7.88 -25.26 9.65
N GLU A 550 8.83 -25.53 10.52
CA GLU A 550 8.59 -25.53 11.96
C GLU A 550 8.53 -24.09 12.48
N ALA A 551 7.52 -23.80 13.25
CA ALA A 551 7.42 -22.49 13.88
C ALA A 551 8.39 -22.42 15.05
N PRO A 552 9.16 -21.35 15.17
CA PRO A 552 10.10 -21.25 16.29
C PRO A 552 9.41 -20.83 17.59
N PHE A 553 10.09 -21.12 18.69
CA PHE A 553 9.68 -20.57 19.98
C PHE A 553 9.56 -19.05 19.86
N GLU A 554 8.46 -18.51 20.40
CA GLU A 554 8.24 -17.08 20.29
C GLU A 554 7.37 -16.60 21.45
N VAL A 555 7.39 -15.30 21.67
CA VAL A 555 6.68 -14.67 22.78
C VAL A 555 5.79 -13.54 22.26
N ASN A 556 4.64 -13.38 22.91
CA ASN A 556 3.77 -12.23 22.77
C ASN A 556 3.82 -11.50 24.11
N PHE A 557 4.24 -10.23 24.11
CA PHE A 557 4.54 -9.52 25.36
C PHE A 557 3.98 -8.10 25.32
N GLY A 558 3.63 -7.59 26.50
CA GLY A 558 3.39 -6.17 26.66
C GLY A 558 2.51 -5.83 27.86
N ALA A 559 2.18 -4.55 27.93
CA ALA A 559 1.34 -4.02 28.99
C ALA A 559 -0.15 -4.33 28.76
N ASN A 560 -0.90 -4.33 29.86
CA ASN A 560 -2.34 -4.42 29.81
C ASN A 560 -3.00 -3.08 29.55
N LEU A 561 -2.23 -1.99 29.52
CA LEU A 561 -2.71 -0.63 29.39
C LEU A 561 -1.87 0.06 28.32
N ASN A 562 -2.53 0.90 27.54
CA ASN A 562 -1.84 1.63 26.50
C ASN A 562 -0.78 2.53 27.09
N SER A 563 0.31 2.69 26.35
CA SER A 563 1.26 3.75 26.64
C SER A 563 0.53 5.07 26.84
N GLY A 564 0.94 5.84 27.85
CA GLY A 564 0.34 7.13 28.11
C GLY A 564 -0.34 7.24 29.46
N GLN A 565 -0.12 6.25 30.32
CA GLN A 565 -0.75 6.25 31.62
C GLN A 565 -0.04 7.22 32.55
N SER A 566 -0.69 7.53 33.67
CA SER A 566 -0.16 8.49 34.63
C SER A 566 0.76 7.80 35.63
N ALA A 567 1.76 8.55 36.10
CA ALA A 567 2.64 8.07 37.15
C ALA A 567 1.82 7.56 38.33
N GLY A 568 2.31 6.49 38.93
CA GLY A 568 1.60 5.84 40.00
C GLY A 568 0.52 4.88 39.57
N THR A 569 0.29 4.73 38.28
CA THR A 569 -0.64 3.70 37.84
C THR A 569 0.06 2.35 37.78
N PRO A 570 -0.47 1.31 38.44
CA PRO A 570 0.08 -0.04 38.24
C PRO A 570 -0.18 -0.54 36.83
N ILE A 571 0.91 -0.88 36.15
CA ILE A 571 0.89 -1.40 34.79
CA ILE A 571 0.88 -1.41 34.79
C ILE A 571 1.27 -2.88 34.86
N THR A 572 0.40 -3.74 34.35
CA THR A 572 0.69 -5.17 34.32
C THR A 572 1.39 -5.51 33.02
N LEU A 573 2.59 -6.06 33.13
CA LEU A 573 3.35 -6.56 32.00
C LEU A 573 3.08 -8.05 31.90
N LEU A 574 2.60 -8.49 30.73
CA LEU A 574 2.17 -9.86 30.48
C LEU A 574 3.03 -10.53 29.43
N ALA A 575 3.25 -11.83 29.57
CA ALA A 575 3.97 -12.56 28.53
C ALA A 575 3.28 -13.89 28.25
N GLU A 576 3.22 -14.24 26.97
CA GLU A 576 2.67 -15.52 26.49
C GLU A 576 3.71 -16.16 25.59
N SER A 577 3.80 -17.49 25.60
CA SER A 577 4.77 -18.24 24.82
C SER A 577 4.06 -19.18 23.84
N TYR A 578 4.72 -19.44 22.71
CA TYR A 578 4.26 -20.36 21.67
C TYR A 578 5.40 -21.25 21.22
N HIS A 579 5.10 -22.54 21.01
CA HIS A 579 6.08 -23.53 20.53
C HIS A 579 7.25 -23.68 21.50
N ALA A 580 6.94 -23.65 22.81
CA ALA A 580 7.94 -23.80 23.85
C ALA A 580 8.12 -25.28 24.17
N THR A 581 9.33 -25.66 24.61
CA THR A 581 9.60 -27.00 25.12
C THR A 581 9.78 -26.88 26.63
N GLY A 582 8.92 -27.57 27.39
CA GLY A 582 9.06 -27.57 28.85
C GLY A 582 8.70 -26.24 29.50
N ASP A 583 9.27 -26.03 30.70
CA ASP A 583 9.07 -24.77 31.42
C ASP A 583 9.62 -23.58 30.63
N VAL A 584 8.92 -22.45 30.71
CA VAL A 584 9.42 -21.17 30.21
C VAL A 584 9.64 -20.23 31.39
N THR A 585 10.83 -19.66 31.46
CA THR A 585 11.16 -18.65 32.46
C THR A 585 11.19 -17.28 31.79
N TYR A 586 10.57 -16.31 32.43
CA TYR A 586 10.47 -14.96 31.90
C TYR A 586 11.24 -13.98 32.77
N SER A 587 12.02 -13.13 32.13
CA SER A 587 12.75 -12.06 32.82
CA SER A 587 12.75 -12.06 32.82
C SER A 587 12.24 -10.73 32.28
N PHE A 588 11.52 -9.99 33.11
CA PHE A 588 10.95 -8.71 32.72
C PHE A 588 11.93 -7.61 33.07
N THR A 589 11.98 -6.58 32.23
CA THR A 589 12.83 -5.42 32.50
C THR A 589 12.16 -4.12 32.11
N VAL A 590 12.59 -3.04 32.76
CA VAL A 590 12.20 -1.66 32.47
C VAL A 590 13.50 -0.87 32.35
N ASN A 591 13.75 -0.33 31.17
CA ASN A 591 15.03 0.34 30.89
C ASN A 591 16.21 -0.54 31.30
N GLY A 592 16.09 -1.85 31.04
CA GLY A 592 17.14 -2.80 31.35
C GLY A 592 17.19 -3.30 32.78
N GLU A 593 16.50 -2.66 33.71
CA GLU A 593 16.48 -3.08 35.10
C GLU A 593 15.39 -4.12 35.30
N THR A 594 15.71 -5.20 36.02
CA THR A 594 14.73 -6.27 36.21
C THR A 594 13.58 -5.82 37.10
N VAL A 595 12.41 -6.44 36.89
CA VAL A 595 11.24 -6.30 37.74
C VAL A 595 10.94 -7.68 38.30
N GLN A 596 10.74 -7.78 39.61
CA GLN A 596 10.62 -9.11 40.20
C GLN A 596 9.25 -9.70 39.87
N ASN A 597 9.24 -10.85 39.20
CA ASN A 597 8.04 -11.52 38.76
C ASN A 597 7.86 -12.88 39.42
N SER A 598 8.63 -13.20 40.45
CA SER A 598 8.60 -14.56 41.00
C SER A 598 9.20 -15.44 39.91
N ASN A 599 8.55 -16.53 39.49
CA ASN A 599 8.69 -17.30 38.26
C ASN A 599 7.30 -17.44 37.63
N THR A 600 6.62 -16.28 37.48
CA THR A 600 5.32 -16.13 36.88
C THR A 600 5.48 -15.63 35.44
N ASP A 601 4.35 -15.47 34.75
CA ASP A 601 4.32 -14.96 33.38
CA ASP A 601 4.34 -14.95 33.38
C ASP A 601 3.87 -13.50 33.34
N SER A 602 3.88 -12.82 34.49
CA SER A 602 3.38 -11.45 34.62
C SER A 602 4.19 -10.73 35.69
N CYS A 603 4.19 -9.40 35.60
CA CYS A 603 4.82 -8.55 36.60
C CYS A 603 4.04 -7.25 36.64
N VAL A 604 4.00 -6.63 37.82
CA VAL A 604 3.28 -5.39 38.01
C VAL A 604 4.31 -4.29 38.22
N TRP A 605 4.30 -3.31 37.33
CA TRP A 605 5.25 -2.21 37.31
C TRP A 605 4.52 -0.91 37.53
N THR A 606 4.89 -0.18 38.58
CA THR A 606 4.23 1.09 38.88
C THR A 606 5.20 2.24 38.64
N PRO A 607 5.17 2.88 37.48
CA PRO A 607 6.14 3.95 37.20
C PRO A 607 5.99 5.13 38.16
N SER A 608 7.14 5.62 38.63
CA SER A 608 7.25 6.68 39.61
C SER A 608 7.16 8.08 39.00
N ALA A 609 7.83 8.29 37.87
CA ALA A 609 8.01 9.63 37.30
C ALA A 609 7.68 9.62 35.81
N ASP A 610 7.48 10.80 35.27
CA ASP A 610 7.29 10.93 33.82
C ASP A 610 8.49 10.33 33.11
N GLY A 611 8.29 10.01 31.85
CA GLY A 611 9.38 9.53 31.02
C GLY A 611 8.92 8.52 29.99
N THR A 612 9.89 8.11 29.17
CA THR A 612 9.68 7.17 28.06
C THR A 612 10.50 5.92 28.37
N TYR A 613 9.82 4.85 28.72
CA TYR A 613 10.43 3.64 29.23
C TYR A 613 10.45 2.57 28.15
N SER A 614 11.49 1.74 28.20
CA SER A 614 11.60 0.60 27.30
C SER A 614 11.28 -0.62 28.15
N ILE A 615 10.12 -1.23 27.92
CA ILE A 615 9.71 -2.41 28.68
C ILE A 615 10.06 -3.63 27.85
N GLY A 616 10.52 -4.68 28.52
CA GLY A 616 10.91 -5.86 27.78
C GLY A 616 10.73 -7.14 28.56
N VAL A 617 10.79 -8.23 27.83
CA VAL A 617 10.86 -9.56 28.40
C VAL A 617 11.83 -10.39 27.61
N VAL A 618 12.55 -11.27 28.31
CA VAL A 618 13.36 -12.33 27.73
C VAL A 618 12.83 -13.67 28.25
N ALA A 619 12.56 -14.58 27.33
CA ALA A 619 11.96 -15.87 27.67
C ALA A 619 12.88 -16.99 27.21
N VAL A 620 13.09 -18.00 28.07
CA VAL A 620 13.94 -19.14 27.76
C VAL A 620 13.20 -20.42 28.15
N ASP A 621 13.18 -21.41 27.25
CA ASP A 621 12.48 -22.65 27.51
C ASP A 621 13.48 -23.72 27.99
N ALA A 622 13.01 -24.95 28.17
CA ALA A 622 13.83 -26.00 28.78
C ALA A 622 14.90 -26.55 27.85
N ASN A 623 14.80 -26.30 26.55
CA ASN A 623 15.85 -26.67 25.61
C ASN A 623 16.76 -25.50 25.27
N GLY A 624 16.62 -24.39 25.98
CA GLY A 624 17.47 -23.25 25.80
C GLY A 624 17.06 -22.33 24.68
N ASN A 625 15.97 -22.62 23.98
CA ASN A 625 15.48 -21.67 22.98
C ASN A 625 15.13 -20.36 23.66
N LYS A 626 15.44 -19.24 23.00
CA LYS A 626 15.26 -17.91 23.54
C LYS A 626 14.36 -17.07 22.63
N ALA A 627 13.51 -16.24 23.25
CA ALA A 627 12.66 -15.29 22.56
C ALA A 627 12.63 -14.02 23.38
N GLU A 628 12.62 -12.87 22.72
CA GLU A 628 12.67 -11.59 23.39
CA GLU A 628 12.57 -11.62 23.46
C GLU A 628 11.70 -10.62 22.72
N SER A 629 11.28 -9.62 23.46
CA SER A 629 10.42 -8.56 22.97
C SER A 629 10.75 -7.31 23.77
N THR A 630 10.82 -6.18 23.07
CA THR A 630 11.07 -4.89 23.69
C THR A 630 10.10 -3.88 23.10
N LYS A 631 9.50 -3.07 23.97
CA LYS A 631 8.43 -2.16 23.61
C LYS A 631 8.62 -0.86 24.37
N THR A 632 7.96 0.18 23.86
CA THR A 632 8.02 1.53 24.38
C THR A 632 6.77 1.83 25.19
N PHE A 633 6.92 2.52 26.31
CA PHE A 633 5.81 2.90 27.15
C PHE A 633 6.08 4.29 27.69
N VAL A 634 5.17 5.25 27.43
CA VAL A 634 5.37 6.65 27.78
C VAL A 634 4.50 6.99 28.99
N VAL A 635 5.09 7.74 29.93
CA VAL A 635 4.37 8.23 31.11
C VAL A 635 4.41 9.75 31.01
N SER B 4 2.47 50.89 -21.30
CA SER B 4 3.69 51.42 -21.89
C SER B 4 4.59 50.25 -22.30
N GLY B 5 4.01 49.05 -22.31
CA GLY B 5 4.76 47.86 -22.68
C GLY B 5 5.70 47.34 -21.60
N SER B 6 6.76 46.68 -22.07
CA SER B 6 7.75 46.05 -21.22
C SER B 6 9.12 46.34 -21.77
N GLU B 7 10.13 46.05 -20.98
CA GLU B 7 11.52 46.28 -21.38
C GLU B 7 12.40 45.13 -20.93
N ALA B 8 13.37 44.78 -21.77
CA ALA B 8 14.32 43.73 -21.46
C ALA B 8 15.73 44.27 -21.64
N TYR B 9 16.56 44.04 -20.66
CA TYR B 9 17.96 44.41 -20.68
C TYR B 9 18.87 43.20 -20.56
N PHE B 10 20.05 43.29 -21.19
CA PHE B 10 20.96 42.16 -21.31
C PHE B 10 22.39 42.63 -21.08
N ASP B 11 23.10 41.93 -20.22
CA ASP B 11 24.50 42.16 -19.94
C ASP B 11 25.33 41.21 -20.78
N ASN B 12 26.12 41.77 -21.70
CA ASN B 12 26.93 41.04 -22.67
C ASN B 12 28.39 40.91 -22.20
N SER B 13 28.69 41.24 -20.93
CA SER B 13 30.06 41.38 -20.45
C SER B 13 30.86 40.09 -20.53
N LYS B 14 30.20 38.95 -20.41
CA LYS B 14 30.83 37.64 -20.47
C LYS B 14 30.58 36.92 -21.80
N TYR B 15 29.38 37.03 -22.35
CA TYR B 15 29.13 36.40 -23.63
C TYR B 15 29.96 37.04 -24.73
N GLY B 16 30.13 38.34 -24.69
CA GLY B 16 30.92 39.02 -25.72
C GLY B 16 30.41 38.85 -27.13
N TRP B 17 29.10 38.74 -27.31
CA TRP B 17 28.53 38.64 -28.65
C TRP B 17 28.77 39.92 -29.46
N LYS B 18 29.13 39.75 -30.74
CA LYS B 18 29.33 40.91 -31.60
C LYS B 18 28.01 41.61 -31.90
N ASP B 19 26.93 40.83 -32.05
CA ASP B 19 25.60 41.38 -32.24
C ASP B 19 24.67 40.67 -31.28
N VAL B 20 23.88 41.44 -30.55
CA VAL B 20 22.98 40.91 -29.52
C VAL B 20 21.55 40.97 -30.05
N TYR B 21 20.93 39.81 -30.18
CA TYR B 21 19.54 39.68 -30.60
C TYR B 21 18.65 39.29 -29.41
N VAL B 22 17.40 39.74 -29.45
CA VAL B 22 16.38 39.32 -28.50
C VAL B 22 15.21 38.74 -29.28
N TYR B 23 14.74 37.56 -28.85
CA TYR B 23 13.64 36.82 -29.46
C TYR B 23 12.55 36.73 -28.40
N ALA B 24 11.36 37.20 -28.71
CA ALA B 24 10.21 37.17 -27.82
C ALA B 24 9.07 36.39 -28.46
N TYR B 25 8.51 35.45 -27.70
CA TYR B 25 7.36 34.67 -28.15
C TYR B 25 6.35 34.53 -27.03
N GLY B 26 5.09 34.36 -27.41
CA GLY B 26 3.99 34.29 -26.47
C GLY B 26 2.76 34.93 -27.08
N THR B 27 2.27 36.00 -26.46
CA THR B 27 1.16 36.75 -27.03
C THR B 27 1.48 37.14 -28.47
N LYS B 28 2.66 37.69 -28.68
CA LYS B 28 3.13 38.03 -30.01
C LYS B 28 4.58 37.60 -30.13
N GLU B 29 5.01 37.42 -31.37
CA GLU B 29 6.40 37.15 -31.72
C GLU B 29 6.99 38.43 -32.27
N ASN B 30 8.12 38.86 -31.70
CA ASN B 30 8.65 40.15 -32.15
C ASN B 30 9.15 40.06 -33.58
N ALA B 31 9.81 38.96 -33.95
CA ALA B 31 10.29 38.72 -35.30
C ALA B 31 10.72 37.26 -35.38
N GLU B 32 10.77 36.72 -36.60
CA GLU B 32 11.28 35.38 -36.79
C GLU B 32 12.69 35.28 -36.20
N TRP B 33 13.00 34.13 -35.62
CA TRP B 33 14.33 33.87 -35.09
C TRP B 33 15.37 34.33 -36.12
N PRO B 34 16.42 35.04 -35.71
CA PRO B 34 16.87 35.28 -34.34
C PRO B 34 16.17 36.38 -33.55
N GLY B 35 15.15 36.99 -34.13
CA GLY B 35 14.46 38.07 -33.48
C GLY B 35 14.93 39.42 -33.96
N GLU B 36 15.13 40.35 -33.02
CA GLU B 36 15.51 41.72 -33.35
C GLU B 36 16.79 42.13 -32.62
N LEU B 37 17.56 42.99 -33.26
CA LEU B 37 18.77 43.53 -32.66
C LEU B 37 18.43 44.42 -31.47
N MET B 38 19.08 44.18 -30.34
CA MET B 38 18.95 45.09 -29.21
C MET B 38 19.79 46.32 -29.46
N THR B 39 19.49 47.39 -28.74
CA THR B 39 20.25 48.62 -28.76
C THR B 39 21.22 48.69 -27.59
N LYS B 40 22.41 49.23 -27.85
CA LYS B 40 23.42 49.33 -26.80
C LYS B 40 23.25 50.67 -26.08
N GLU B 41 23.01 50.60 -24.76
CA GLU B 41 22.72 51.72 -23.88
C GLU B 41 24.02 52.33 -23.35
N ASP B 42 23.93 53.56 -22.86
CA ASP B 42 25.17 54.19 -22.40
C ASP B 42 25.58 53.68 -21.02
N SER B 43 24.74 52.84 -20.41
CA SER B 43 25.14 52.01 -19.29
C SER B 43 26.10 50.91 -19.68
N GLY B 44 26.16 50.54 -20.95
CA GLY B 44 26.82 49.34 -21.37
C GLY B 44 25.90 48.16 -21.58
N LEU B 45 24.72 48.19 -20.95
CA LEU B 45 23.73 47.14 -21.16
C LEU B 45 23.12 47.27 -22.56
N TYR B 46 22.51 46.19 -23.03
CA TYR B 46 21.68 46.17 -24.22
C TYR B 46 20.22 46.20 -23.81
N LYS B 47 19.40 46.83 -24.64
CA LYS B 47 18.00 47.06 -24.33
C LYS B 47 17.08 46.72 -25.50
N ALA B 48 15.90 46.25 -25.15
CA ALA B 48 14.79 46.09 -26.08
C ALA B 48 13.51 46.49 -25.36
N SER B 49 12.61 47.10 -26.11
CA SER B 49 11.27 47.46 -25.64
C SER B 49 10.21 46.75 -26.47
N PHE B 50 9.12 46.35 -25.81
CA PHE B 50 8.02 45.64 -26.45
C PHE B 50 6.72 46.39 -26.13
N ALA B 51 5.90 46.62 -27.16
CA ALA B 51 4.66 47.36 -26.95
C ALA B 51 3.69 46.60 -26.03
N SER B 52 2.67 47.31 -25.55
CA SER B 52 1.71 46.73 -24.62
C SER B 52 1.00 45.53 -25.20
N SER B 53 0.92 45.41 -26.52
CA SER B 53 0.31 44.23 -27.12
C SER B 53 1.06 42.95 -26.81
N PHE B 54 2.35 43.05 -26.45
CA PHE B 54 3.17 41.89 -26.10
C PHE B 54 2.90 41.56 -24.63
N LYS B 55 1.70 41.03 -24.37
CA LYS B 55 1.20 41.07 -23.00
C LYS B 55 1.90 40.03 -22.12
N SER B 56 2.13 38.82 -22.63
CA SER B 56 2.82 37.77 -21.89
CA SER B 56 2.83 37.78 -21.88
C SER B 56 3.85 37.12 -22.81
N GLU B 57 5.14 37.38 -22.54
CA GLU B 57 6.20 36.94 -23.40
C GLU B 57 7.20 36.06 -22.68
N LYS B 58 7.92 35.28 -23.49
CA LYS B 58 9.10 34.54 -23.08
C LYS B 58 10.24 35.02 -23.96
N ILE B 59 11.40 35.22 -23.35
CA ILE B 59 12.50 36.00 -23.93
C ILE B 59 13.72 35.10 -24.04
N ILE B 60 14.30 35.05 -25.24
CA ILE B 60 15.55 34.33 -25.46
C ILE B 60 16.52 35.31 -26.12
N PHE B 61 17.68 35.51 -25.50
CA PHE B 61 18.77 36.32 -26.06
C PHE B 61 19.66 35.41 -26.90
N ASN B 62 20.20 35.93 -28.00
CA ASN B 62 21.08 35.09 -28.80
C ASN B 62 21.98 35.96 -29.65
N ASN B 63 23.02 35.35 -30.21
CA ASN B 63 24.03 36.12 -30.95
C ASN B 63 23.77 36.17 -32.44
N GLY B 64 22.63 35.64 -32.90
CA GLY B 64 22.24 35.74 -34.29
C GLY B 64 22.83 34.69 -35.21
N LEU B 65 23.70 33.83 -34.71
CA LEU B 65 24.42 32.93 -35.59
C LEU B 65 23.68 31.59 -35.74
N GLU B 66 24.06 30.85 -36.79
CA GLU B 66 23.35 29.64 -37.17
C GLU B 66 23.96 28.41 -36.48
N LYS B 67 23.15 27.35 -36.35
CA LYS B 67 23.62 26.10 -35.76
C LYS B 67 24.90 25.65 -36.43
N GLY B 68 25.84 25.17 -35.62
CA GLY B 68 27.12 24.71 -36.10
C GLY B 68 28.03 25.79 -36.61
N ASN B 69 27.54 27.03 -36.66
CA ASN B 69 28.27 28.20 -37.16
C ASN B 69 28.45 29.25 -36.07
N GLY B 70 28.43 28.83 -34.82
CA GLY B 70 28.71 29.72 -33.70
C GLY B 70 27.50 30.10 -32.88
N LYS B 71 26.34 29.51 -33.17
CA LYS B 71 25.10 29.84 -32.47
C LYS B 71 25.28 29.73 -30.98
N GLU B 72 24.89 30.79 -30.26
CA GLU B 72 24.75 30.73 -28.81
C GLU B 72 23.45 31.43 -28.45
N GLN B 73 22.70 30.86 -27.50
CA GLN B 73 21.50 31.51 -27.00
C GLN B 73 21.38 31.29 -25.50
N TYR B 74 20.55 32.11 -24.86
CA TYR B 74 20.18 31.91 -23.49
C TYR B 74 18.79 32.47 -23.24
N PRO B 75 17.88 31.72 -22.60
CA PRO B 75 18.06 30.32 -22.19
C PRO B 75 18.15 29.35 -23.35
N GLU B 76 18.40 28.10 -22.95
N GLU B 76 18.45 28.09 -23.04
CA GLU B 76 18.66 27.02 -23.89
CA GLU B 76 18.67 27.12 -24.10
C GLU B 76 17.40 26.61 -24.64
C GLU B 76 17.35 26.69 -24.75
N ALA B 77 16.25 26.71 -24.00
CA ALA B 77 14.97 26.26 -24.56
C ALA B 77 13.82 27.21 -24.22
N ALA B 78 13.36 27.21 -22.98
CA ALA B 78 12.23 28.05 -22.61
C ALA B 78 12.69 29.48 -22.33
N GLY B 79 12.00 30.44 -22.92
CA GLY B 79 12.37 31.82 -22.70
C GLY B 79 12.02 32.32 -21.32
N LEU B 80 12.71 33.39 -20.94
CA LEU B 80 12.52 34.04 -19.64
C LEU B 80 11.24 34.87 -19.66
N SER B 81 10.47 34.83 -18.56
CA SER B 81 9.16 35.46 -18.58
C SER B 81 9.28 36.97 -18.48
N LEU B 82 8.54 37.67 -19.34
CA LEU B 82 8.43 39.12 -19.34
C LEU B 82 7.00 39.47 -19.75
N LYS B 83 6.31 40.22 -18.90
CA LYS B 83 4.96 40.66 -19.17
C LYS B 83 4.92 42.18 -19.33
N ALA B 84 3.93 42.65 -20.08
CA ALA B 84 3.67 44.08 -20.14
C ALA B 84 3.58 44.63 -18.72
N GLY B 85 4.20 45.79 -18.51
CA GLY B 85 4.29 46.38 -17.20
C GLY B 85 5.55 46.05 -16.44
N GLU B 86 6.46 45.30 -17.03
CA GLU B 86 7.66 44.86 -16.34
C GLU B 86 8.91 45.33 -17.05
N CYS B 87 9.95 45.44 -16.24
CA CYS B 87 11.31 45.76 -16.66
CA CYS B 87 11.30 45.74 -16.69
C CYS B 87 12.19 44.68 -16.08
N LYS B 88 12.90 43.93 -16.93
CA LYS B 88 13.74 42.85 -16.45
C LYS B 88 15.13 42.94 -17.07
N MET B 89 16.12 42.40 -16.33
CA MET B 89 17.52 42.40 -16.76
C MET B 89 18.14 41.03 -16.55
N LEU B 90 18.87 40.57 -17.54
CA LEU B 90 19.71 39.37 -17.42
C LEU B 90 21.10 39.85 -17.03
N THR B 91 21.49 39.59 -15.79
CA THR B 91 22.80 40.03 -15.32
C THR B 91 23.90 39.18 -15.94
N ALA B 92 25.15 39.60 -15.70
CA ALA B 92 26.29 38.86 -16.24
C ALA B 92 26.36 37.46 -15.63
N GLU B 93 25.89 37.29 -14.40
CA GLU B 93 25.82 36.01 -13.70
C GLU B 93 24.54 35.24 -14.02
N LYS B 94 23.76 35.72 -15.00
CA LYS B 94 22.56 35.07 -15.55
C LYS B 94 21.45 34.91 -14.53
N GLN B 95 21.28 35.91 -13.68
CA GLN B 95 20.06 36.11 -12.91
C GLN B 95 19.09 36.95 -13.74
N TRP B 96 17.87 36.47 -13.88
CA TRP B 96 16.83 37.23 -14.56
C TRP B 96 16.06 37.98 -13.51
N ILE B 97 16.32 39.28 -13.44
CA ILE B 97 15.88 40.07 -12.29
C ILE B 97 14.93 41.18 -12.71
N ASP B 98 14.06 41.56 -11.76
CA ASP B 98 13.33 42.83 -11.89
C ASP B 98 14.30 44.01 -11.85
N TYR B 99 14.05 44.98 -12.74
CA TYR B 99 14.87 46.18 -12.90
C TYR B 99 13.93 47.39 -12.93
N GLY B 100 13.24 47.56 -11.81
CA GLY B 100 12.26 48.61 -11.73
C GLY B 100 11.12 48.35 -12.70
N LYS B 101 10.54 49.42 -13.21
CA LYS B 101 9.36 49.41 -14.06
C LYS B 101 9.58 50.36 -15.24
N PRO B 102 8.78 50.22 -16.32
CA PRO B 102 8.99 51.07 -17.52
C PRO B 102 8.50 52.50 -17.37
N ASP B 103 9.16 53.26 -16.50
CA ASP B 103 8.83 54.66 -16.23
C ASP B 103 10.12 55.39 -15.86
N ASP B 104 9.99 56.63 -15.43
CA ASP B 104 11.16 57.43 -15.07
C ASP B 104 11.51 57.39 -13.59
N HIS B 105 10.77 56.64 -12.78
CA HIS B 105 11.00 56.65 -11.35
C HIS B 105 12.31 55.91 -11.05
N ALA B 106 12.83 56.17 -9.85
CA ALA B 106 13.89 55.36 -9.29
C ALA B 106 13.27 54.14 -8.62
N TYR B 107 14.05 53.08 -8.56
CA TYR B 107 13.65 51.83 -7.94
C TYR B 107 14.86 51.15 -7.31
N GLY B 108 14.63 50.50 -6.17
CA GLY B 108 15.63 49.62 -5.59
C GLY B 108 15.33 48.21 -6.11
N TYR B 109 16.39 47.49 -6.42
CA TYR B 109 16.24 46.13 -6.92
C TYR B 109 17.39 45.25 -6.43
N THR B 110 17.21 43.94 -6.59
CA THR B 110 18.13 42.94 -6.09
C THR B 110 18.82 42.24 -7.26
N LEU B 111 20.07 41.84 -7.04
CA LEU B 111 20.83 41.17 -8.10
C LEU B 111 20.61 39.67 -8.09
N THR B 112 19.85 39.15 -7.12
CA THR B 112 19.34 37.79 -7.10
C THR B 112 17.86 37.81 -7.41
N ALA B 113 17.43 36.94 -8.32
CA ALA B 113 16.05 36.94 -8.79
C ALA B 113 15.06 36.81 -7.63
N ASN B 114 13.96 37.56 -7.72
CA ASN B 114 12.86 37.39 -6.78
C ASN B 114 12.43 35.93 -6.68
N ASN B 115 12.02 35.53 -5.49
CA ASN B 115 11.45 34.21 -5.20
C ASN B 115 12.47 33.10 -5.27
N THR B 116 13.74 33.44 -5.07
CA THR B 116 14.78 32.43 -5.03
C THR B 116 14.71 31.66 -3.71
N ALA B 117 14.87 30.34 -3.81
CA ALA B 117 14.91 29.43 -2.68
C ALA B 117 16.35 29.07 -2.34
N PHE B 118 16.65 28.97 -1.05
CA PHE B 118 17.99 28.65 -0.60
C PHE B 118 17.92 27.87 0.71
N SER B 119 18.95 27.05 0.95
CA SER B 119 19.04 26.22 2.14
C SER B 119 20.20 26.64 3.04
N THR B 120 20.98 27.65 2.62
CA THR B 120 22.04 28.20 3.46
C THR B 120 21.39 28.98 4.59
N GLU B 121 22.21 29.34 5.60
CA GLU B 121 21.66 30.06 6.75
C GLU B 121 21.16 31.42 6.34
N SER B 122 21.77 32.01 5.32
CA SER B 122 21.29 33.24 4.73
C SER B 122 21.62 33.22 3.25
N LEU B 123 20.95 34.13 2.54
CA LEU B 123 21.19 34.40 1.13
C LEU B 123 21.73 35.82 1.07
N ASP B 124 22.96 35.97 0.60
CA ASP B 124 23.59 37.28 0.58
C ASP B 124 23.12 37.98 -0.69
N VAL B 125 22.10 38.82 -0.55
CA VAL B 125 21.47 39.51 -1.66
C VAL B 125 22.08 40.88 -1.84
N LYS B 126 22.70 41.10 -3.00
CA LYS B 126 23.23 42.40 -3.39
C LYS B 126 22.11 43.32 -3.83
N LEU B 127 22.16 44.55 -3.34
CA LEU B 127 21.19 45.58 -3.62
C LEU B 127 21.71 46.54 -4.66
N ALA B 128 20.79 47.07 -5.45
CA ALA B 128 21.15 48.02 -6.49
C ALA B 128 20.06 49.08 -6.59
N LEU B 129 20.44 50.21 -7.20
CA LEU B 129 19.55 51.35 -7.39
C LEU B 129 19.48 51.77 -8.85
N LYS B 130 18.27 51.91 -9.35
CA LYS B 130 17.98 52.39 -10.69
C LYS B 130 17.53 53.84 -10.60
N ASN B 131 18.30 54.74 -11.21
CA ASN B 131 17.98 56.16 -11.26
C ASN B 131 18.02 56.83 -9.88
N ALA B 132 18.78 56.28 -8.94
CA ALA B 132 19.05 56.90 -7.65
C ALA B 132 20.40 56.45 -7.11
N ASP B 133 20.86 57.15 -6.07
CA ASP B 133 22.15 56.90 -5.43
C ASP B 133 22.03 56.31 -4.03
N LYS B 134 20.88 56.45 -3.39
CA LYS B 134 20.63 55.84 -2.09
C LYS B 134 19.20 55.35 -2.08
N GLY B 135 18.94 54.44 -1.16
CA GLY B 135 17.61 53.93 -0.87
C GLY B 135 17.54 53.48 0.57
N TYR B 136 16.42 52.89 0.92
CA TYR B 136 16.20 52.29 2.23
C TYR B 136 15.65 50.89 2.04
N TYR B 137 15.95 50.01 2.99
CA TYR B 137 15.40 48.67 2.99
C TYR B 137 14.77 48.32 4.34
N SER B 138 13.84 47.38 4.26
CA SER B 138 13.09 46.86 5.40
C SER B 138 13.01 45.37 5.17
N VAL B 139 13.49 44.56 6.12
CA VAL B 139 13.45 43.11 6.02
CA VAL B 139 13.47 43.10 6.03
C VAL B 139 12.51 42.58 7.10
N ASP B 140 11.50 41.85 6.67
CA ASP B 140 10.50 41.29 7.58
C ASP B 140 9.94 42.38 8.49
N GLY B 141 9.60 43.51 7.89
CA GLY B 141 9.00 44.61 8.61
C GLY B 141 9.93 45.39 9.49
N SER B 142 11.23 45.19 9.37
CA SER B 142 12.19 45.97 10.14
C SER B 142 12.06 47.45 9.83
N ALA B 143 12.60 48.28 10.71
CA ALA B 143 12.66 49.70 10.43
C ALA B 143 13.51 49.97 9.20
N LYS B 144 13.14 51.01 8.45
CA LYS B 144 13.87 51.38 7.24
C LYS B 144 15.31 51.70 7.55
N LYS B 145 16.22 51.06 6.83
CA LYS B 145 17.66 51.29 6.98
C LYS B 145 18.25 51.71 5.64
N GLU B 146 19.10 52.74 5.67
CA GLU B 146 19.65 53.29 4.43
C GLU B 146 20.63 52.31 3.79
N PHE B 147 20.69 52.35 2.46
CA PHE B 147 21.65 51.54 1.74
C PHE B 147 22.08 52.28 0.48
N ALA B 148 23.20 51.82 -0.07
CA ALA B 148 23.79 52.34 -1.30
C ALA B 148 24.08 51.18 -2.24
N ASN B 149 24.39 51.52 -3.48
CA ASN B 149 24.74 50.51 -4.49
C ASN B 149 25.86 49.62 -3.96
N GLY B 150 25.69 48.31 -4.07
CA GLY B 150 26.69 47.34 -3.67
C GLY B 150 26.47 46.76 -2.29
N ASP B 151 25.71 47.44 -1.42
CA ASP B 151 25.39 46.86 -0.13
C ASP B 151 24.67 45.53 -0.30
N SER B 152 24.66 44.74 0.78
CA SER B 152 24.03 43.43 0.75
C SER B 152 23.21 43.26 2.03
N VAL B 153 22.17 42.45 1.93
CA VAL B 153 21.38 42.08 3.09
C VAL B 153 21.41 40.57 3.18
N LYS B 154 21.64 40.06 4.39
CA LYS B 154 21.69 38.62 4.65
C LYS B 154 20.26 38.17 4.93
N VAL B 155 19.53 37.88 3.86
CA VAL B 155 18.15 37.50 4.05
C VAL B 155 18.11 36.05 4.56
N GLY B 156 17.26 35.82 5.55
CA GLY B 156 17.16 34.53 6.21
C GLY B 156 17.98 34.40 7.48
N GLU B 157 18.92 35.30 7.71
CA GLU B 157 19.77 35.19 8.88
C GLU B 157 18.94 35.13 10.17
N GLY B 158 19.24 34.14 11.02
CA GLY B 158 18.56 33.96 12.26
C GLY B 158 17.21 33.27 12.18
N LYS B 159 16.71 32.97 10.99
CA LYS B 159 15.35 32.46 10.86
C LYS B 159 15.31 30.94 10.83
N ILE B 160 14.17 30.42 11.30
CA ILE B 160 13.86 29.02 11.15
C ILE B 160 13.74 28.71 9.67
N GLY B 161 14.17 27.51 9.29
CA GLY B 161 13.98 27.04 7.93
C GLY B 161 12.54 26.75 7.60
N ASN B 162 12.27 26.66 6.29
CA ASN B 162 10.93 26.62 5.72
C ASN B 162 10.11 27.83 6.18
N SER B 163 10.69 29.00 5.98
CA SER B 163 10.03 30.28 6.12
C SER B 163 10.36 31.16 4.92
N LYS B 164 9.53 32.17 4.73
CA LYS B 164 9.75 33.18 3.71
C LYS B 164 10.22 34.48 4.35
N VAL B 165 11.04 35.20 3.63
CA VAL B 165 11.56 36.48 4.08
CA VAL B 165 11.59 36.48 4.06
C VAL B 165 11.17 37.53 3.05
N THR B 166 10.67 38.65 3.53
CA THR B 166 10.30 39.78 2.68
CA THR B 166 10.29 39.79 2.70
C THR B 166 11.34 40.88 2.82
N LEU B 167 11.68 41.49 1.69
CA LEU B 167 12.68 42.56 1.62
C LEU B 167 12.08 43.67 0.77
N THR B 168 11.77 44.81 1.38
CA THR B 168 11.19 45.95 0.66
C THR B 168 12.27 47.01 0.49
N LEU B 169 12.43 47.48 -0.75
CA LEU B 169 13.43 48.49 -1.10
C LEU B 169 12.73 49.77 -1.52
N TYR B 170 13.10 50.88 -0.87
CA TYR B 170 12.55 52.21 -1.15
C TYR B 170 13.59 53.08 -1.85
N ALA B 171 13.17 53.84 -2.85
CA ALA B 171 14.07 54.73 -3.56
C ALA B 171 13.31 55.97 -4.02
N THR B 172 14.02 57.09 -4.11
CA THR B 172 13.44 58.34 -4.56
C THR B 172 14.35 58.95 -5.61
N GLY B 173 13.83 59.11 -6.82
CA GLY B 173 14.57 59.66 -7.93
C GLY B 173 14.45 61.17 -8.02
N ALA B 174 14.93 61.69 -9.14
CA ALA B 174 14.93 63.11 -9.38
C ALA B 174 13.52 63.66 -9.47
N ASP B 175 12.55 62.83 -9.81
CA ASP B 175 11.17 63.28 -9.89
C ASP B 175 10.49 63.34 -8.53
N GLY B 176 11.20 63.02 -7.46
CA GLY B 176 10.67 63.06 -6.11
C GLY B 176 9.80 61.90 -5.70
N VAL B 177 9.53 60.94 -6.58
CA VAL B 177 8.54 59.91 -6.29
C VAL B 177 9.22 58.78 -5.53
N GLU B 178 8.75 58.53 -4.32
CA GLU B 178 9.29 57.41 -3.55
C GLU B 178 8.58 56.15 -3.99
N THR B 179 9.34 55.19 -4.50
CA THR B 179 8.78 53.90 -4.89
C THR B 179 9.12 52.85 -3.85
N GLU B 180 8.37 51.77 -3.88
CA GLU B 180 8.71 50.60 -3.11
C GLU B 180 8.59 49.36 -3.98
N GLN B 181 9.52 48.45 -3.79
CA GLN B 181 9.59 47.18 -4.50
C GLN B 181 9.83 46.14 -3.42
N THR B 182 9.05 45.09 -3.43
CA THR B 182 9.17 44.03 -2.43
C THR B 182 9.58 42.72 -3.07
N TYR B 183 10.64 42.14 -2.53
CA TYR B 183 11.23 40.88 -2.99
C TYR B 183 11.00 39.85 -1.89
N THR B 184 10.64 38.62 -2.26
CA THR B 184 10.41 37.57 -1.30
C THR B 184 11.32 36.41 -1.62
N PHE B 185 11.95 35.83 -0.60
CA PHE B 185 12.85 34.69 -0.74
C PHE B 185 12.42 33.59 0.23
N LYS B 186 12.77 32.35 -0.13
CA LYS B 186 12.30 31.16 0.59
C LYS B 186 13.49 30.41 1.16
N LYS B 187 13.56 30.37 2.48
CA LYS B 187 14.59 29.63 3.19
C LYS B 187 14.06 28.22 3.47
N THR B 188 14.73 27.22 2.91
CA THR B 188 14.26 25.84 2.97
C THR B 188 14.97 25.06 4.05
N PHE B 189 14.29 24.02 4.54
CA PHE B 189 14.93 23.04 5.40
C PHE B 189 14.43 21.67 4.97
N THR B 190 15.39 20.74 4.80
CA THR B 190 15.09 19.35 4.46
C THR B 190 15.90 18.45 5.39
N ALA B 191 15.21 17.66 6.21
CA ALA B 191 15.90 16.77 7.11
C ALA B 191 16.75 15.73 6.38
N SER B 192 17.90 15.42 6.97
CA SER B 192 18.63 14.20 6.64
C SER B 192 17.70 13.01 6.52
N LYS B 193 18.08 12.06 5.63
CA LYS B 193 17.36 10.81 5.54
C LYS B 193 18.31 9.63 5.71
N THR B 194 17.86 8.59 6.41
CA THR B 194 18.66 7.39 6.61
C THR B 194 18.81 6.66 5.29
N THR B 195 20.02 6.18 5.02
CA THR B 195 20.25 5.36 3.84
C THR B 195 21.02 4.13 4.27
N PHE B 196 21.01 3.11 3.42
CA PHE B 196 21.79 1.92 3.67
C PHE B 196 22.12 1.26 2.34
N SER B 197 23.13 0.41 2.39
CA SER B 197 23.60 -0.31 1.21
C SER B 197 24.57 -1.37 1.68
N ALA B 198 24.81 -2.33 0.81
CA ALA B 198 25.74 -3.41 1.05
C ALA B 198 26.64 -3.53 -0.17
N LYS B 199 27.94 -3.72 0.08
CA LYS B 199 28.86 -3.84 -1.04
C LYS B 199 28.64 -5.13 -1.81
N SER B 200 28.07 -6.16 -1.15
CA SER B 200 27.89 -7.48 -1.75
C SER B 200 27.05 -7.47 -3.03
N ASP B 201 26.23 -6.45 -3.23
CA ASP B 201 25.31 -6.46 -4.36
C ASP B 201 25.88 -5.84 -5.63
N GLY B 202 27.15 -5.48 -5.64
CA GLY B 202 27.81 -4.91 -6.79
C GLY B 202 27.40 -3.49 -7.14
N HIS B 203 26.56 -2.86 -6.33
CA HIS B 203 26.16 -1.49 -6.61
C HIS B 203 27.35 -0.54 -6.51
N THR B 204 27.35 0.47 -7.37
CA THR B 204 28.40 1.47 -7.41
C THR B 204 27.88 2.89 -7.27
N THR B 205 26.57 3.10 -7.13
CA THR B 205 26.01 4.41 -6.86
C THR B 205 25.21 4.35 -5.57
N ALA B 206 25.38 5.34 -4.71
CA ALA B 206 24.61 5.42 -3.48
C ALA B 206 23.11 5.48 -3.79
N PRO B 207 22.26 4.85 -2.99
CA PRO B 207 20.82 4.97 -3.24
C PRO B 207 20.39 6.43 -3.23
N GLU B 208 19.58 6.80 -4.22
CA GLU B 208 19.09 8.16 -4.29
C GLU B 208 18.21 8.50 -3.09
N SER B 209 18.32 9.74 -2.67
CA SER B 209 17.63 10.21 -1.47
C SER B 209 16.96 11.54 -1.71
N GLY B 210 16.78 12.32 -0.64
CA GLY B 210 15.99 13.51 -0.74
C GLY B 210 14.52 13.16 -0.77
N TYR B 211 13.85 13.42 -1.90
CA TYR B 211 12.47 12.96 -2.08
C TYR B 211 12.42 11.51 -2.52
N TYR B 212 13.49 10.99 -3.12
CA TYR B 212 13.61 9.58 -3.44
C TYR B 212 13.95 8.79 -2.17
N GLY B 213 13.54 7.53 -2.13
CA GLY B 213 13.98 6.66 -1.03
C GLY B 213 13.88 5.20 -1.37
N THR B 214 14.91 4.43 -1.04
CA THR B 214 14.89 2.98 -1.17
C THR B 214 14.61 2.40 0.21
N ASN B 215 13.63 1.51 0.31
CA ASN B 215 13.18 0.93 1.58
C ASN B 215 13.04 2.03 2.63
N PRO B 216 12.21 3.05 2.37
CA PRO B 216 12.07 4.16 3.31
C PRO B 216 11.59 3.65 4.66
N GLU B 217 12.15 4.22 5.72
CA GLU B 217 11.84 3.82 7.10
C GLU B 217 12.02 2.32 7.29
N MET B 218 13.00 1.74 6.60
CA MET B 218 13.25 0.30 6.63
C MET B 218 12.01 -0.52 6.29
N GLN B 219 11.14 0.02 5.44
CA GLN B 219 10.00 -0.75 4.95
C GLN B 219 10.46 -1.78 3.92
N LEU B 220 10.35 -3.07 4.26
CA LEU B 220 10.75 -4.15 3.37
C LEU B 220 9.55 -4.94 2.87
N GLY B 221 8.37 -4.35 2.92
CA GLY B 221 7.16 -5.03 2.50
C GLY B 221 6.57 -5.78 3.66
N LYS B 222 5.37 -6.32 3.43
CA LYS B 222 4.62 -6.97 4.50
C LYS B 222 4.13 -8.35 4.09
N HIS B 223 4.01 -9.23 5.09
CA HIS B 223 3.37 -10.54 4.93
C HIS B 223 1.87 -10.32 4.90
N LYS B 224 1.28 -10.46 3.73
CA LYS B 224 -0.14 -10.18 3.56
C LYS B 224 -0.61 -10.81 2.27
N THR B 225 -1.81 -11.38 2.29
CA THR B 225 -2.43 -11.85 1.07
C THR B 225 -3.17 -10.71 0.39
N ILE B 226 -2.64 -10.29 -0.76
CA ILE B 226 -3.20 -9.27 -1.62
C ILE B 226 -4.18 -9.93 -2.57
N SER B 227 -5.26 -9.23 -2.86
CA SER B 227 -6.18 -9.62 -3.93
CA SER B 227 -6.20 -9.62 -3.92
C SER B 227 -5.89 -8.79 -5.16
N VAL B 228 -5.42 -9.45 -6.22
CA VAL B 228 -5.01 -8.73 -7.44
C VAL B 228 -6.29 -8.50 -8.24
N ASP B 229 -6.86 -7.34 -8.06
CA ASP B 229 -8.18 -7.05 -8.58
C ASP B 229 -8.37 -5.61 -9.01
N GLY B 230 -7.36 -4.76 -8.91
CA GLY B 230 -7.52 -3.36 -9.24
C GLY B 230 -8.02 -2.52 -8.10
N ASP B 231 -8.47 -3.14 -7.01
CA ASP B 231 -8.87 -2.44 -5.80
C ASP B 231 -7.64 -2.29 -4.94
N LEU B 232 -7.39 -1.07 -4.45
CA LEU B 232 -6.15 -0.74 -3.75
C LEU B 232 -6.32 -0.75 -2.24
N SER B 233 -7.52 -1.11 -1.79
CA SER B 233 -7.81 -1.05 -0.37
C SER B 233 -6.95 -2.01 0.41
N ASP B 234 -6.33 -3.01 -0.22
CA ASP B 234 -5.51 -3.96 0.52
C ASP B 234 -4.06 -3.52 0.66
N TRP B 235 -3.72 -2.34 0.17
CA TRP B 235 -2.39 -1.78 0.31
C TRP B 235 -2.40 -0.57 1.24
N ASP B 236 -1.24 -0.21 1.76
CA ASP B 236 -1.11 1.03 2.52
C ASP B 236 0.32 1.56 2.37
N SER B 237 0.50 2.79 2.83
CA SER B 237 1.76 3.49 2.59
C SER B 237 2.95 2.84 3.27
N SER B 238 2.72 2.06 4.33
CA SER B 238 3.84 1.39 5.00
C SER B 238 4.45 0.27 4.17
N MET B 239 3.81 -0.13 3.07
CA MET B 239 4.26 -1.18 2.18
C MET B 239 5.11 -0.68 1.02
N ILE B 240 5.40 0.62 0.95
CA ILE B 240 6.26 1.16 -0.10
C ILE B 240 7.70 0.73 0.17
N ILE B 241 8.29 0.03 -0.79
CA ILE B 241 9.70 -0.36 -0.75
C ILE B 241 10.55 0.55 -1.61
N ALA B 242 9.96 1.36 -2.48
CA ALA B 242 10.75 2.30 -3.29
C ALA B 242 9.87 3.49 -3.62
N GLN B 243 10.31 4.67 -3.16
CA GLN B 243 9.61 5.92 -3.35
C GLN B 243 10.34 6.73 -4.43
N GLY B 244 9.63 7.02 -5.51
CA GLY B 244 10.15 7.89 -6.55
C GLY B 244 9.58 9.28 -6.40
N VAL B 245 9.76 10.08 -7.46
CA VAL B 245 9.13 11.39 -7.53
C VAL B 245 8.37 11.49 -8.85
N ALA B 246 7.46 12.47 -8.87
CA ALA B 246 6.67 12.75 -10.05
C ALA B 246 7.40 13.75 -10.94
N ASN B 247 7.12 13.65 -12.23
CA ASN B 247 7.59 14.62 -13.22
C ASN B 247 9.10 14.61 -13.37
N ASP B 248 9.72 13.44 -13.23
CA ASP B 248 11.15 13.28 -13.50
C ASP B 248 11.42 12.26 -14.61
N ASP B 249 10.40 11.95 -15.44
CA ASP B 249 10.61 11.13 -16.62
C ASP B 249 11.33 11.94 -17.68
N PRO B 250 12.04 11.26 -18.59
CA PRO B 250 13.02 11.98 -19.44
C PRO B 250 12.44 13.10 -20.30
N ARG B 251 11.20 12.98 -20.73
CA ARG B 251 10.62 13.97 -21.63
C ARG B 251 10.70 15.37 -21.04
N VAL B 252 10.69 15.50 -19.72
CA VAL B 252 10.63 16.83 -19.12
C VAL B 252 11.90 17.63 -19.36
N TYR B 253 13.00 16.98 -19.76
CA TYR B 253 14.26 17.67 -19.99
C TYR B 253 14.45 18.13 -21.43
N MET B 254 13.46 17.91 -22.29
CA MET B 254 13.46 18.40 -23.65
C MET B 254 12.82 19.78 -23.70
N PRO B 255 13.10 20.56 -24.74
CA PRO B 255 12.41 21.87 -24.85
C PRO B 255 10.89 21.76 -24.93
N SER B 256 10.37 20.71 -25.57
CA SER B 256 8.92 20.60 -25.81
C SER B 256 8.54 19.17 -26.15
N SER B 257 8.62 18.27 -25.17
CA SER B 257 8.22 16.89 -25.36
C SER B 257 7.07 16.52 -24.43
N MET B 258 6.38 17.52 -23.86
CA MET B 258 5.28 17.24 -22.95
C MET B 258 4.04 16.74 -23.68
N HIS B 259 4.08 16.69 -25.01
CA HIS B 259 3.03 16.02 -25.78
C HIS B 259 3.20 14.51 -25.78
N GLU B 260 4.34 14.01 -25.33
CA GLU B 260 4.56 12.56 -25.32
C GLU B 260 3.97 11.94 -24.06
N GLN B 261 3.44 10.76 -24.22
CA GLN B 261 2.91 10.05 -23.06
C GLN B 261 3.97 9.93 -21.95
N PRO B 262 3.62 10.22 -20.70
CA PRO B 262 4.60 10.11 -19.61
C PRO B 262 4.82 8.66 -19.21
N TRP B 263 6.07 8.36 -18.88
CA TRP B 263 6.47 7.09 -18.26
C TRP B 263 7.04 7.44 -16.89
N ASP B 264 6.16 7.78 -15.96
CA ASP B 264 6.51 8.46 -14.72
C ASP B 264 6.15 7.55 -13.54
N ALA B 265 7.12 6.73 -13.15
CA ALA B 265 6.93 5.89 -11.97
C ALA B 265 6.93 6.74 -10.71
N TYR B 266 6.01 6.46 -9.80
CA TYR B 266 5.94 7.22 -8.56
C TYR B 266 6.27 6.40 -7.32
N ALA B 267 5.69 5.21 -7.14
CA ALA B 267 5.96 4.42 -5.95
C ALA B 267 5.73 2.95 -6.24
N LEU B 268 6.50 2.12 -5.53
CA LEU B 268 6.44 0.68 -5.66
C LEU B 268 6.18 0.10 -4.29
N TYR B 269 5.12 -0.69 -4.19
CA TYR B 269 4.76 -1.34 -2.94
C TYR B 269 4.93 -2.86 -3.09
N SER B 270 5.20 -3.54 -1.97
CA SER B 270 5.34 -4.99 -2.00
C SER B 270 4.74 -5.68 -0.78
N ALA B 271 4.22 -6.89 -1.04
CA ALA B 271 3.74 -7.81 -0.04
C ALA B 271 4.07 -9.21 -0.51
N TRP B 272 3.96 -10.18 0.41
CA TRP B 272 4.14 -11.58 0.04
C TRP B 272 3.29 -12.48 0.95
N ASP B 273 3.00 -13.68 0.47
CA ASP B 273 2.42 -14.72 1.33
C ASP B 273 3.08 -16.04 0.98
N ASP B 274 2.39 -17.17 1.25
CA ASP B 274 3.03 -18.44 0.94
C ASP B 274 2.95 -18.80 -0.54
N ASP B 275 2.16 -18.06 -1.32
CA ASP B 275 1.91 -18.33 -2.74
C ASP B 275 2.59 -17.36 -3.67
N ASN B 276 2.61 -16.08 -3.30
CA ASN B 276 2.97 -15.04 -4.25
C ASN B 276 3.85 -13.93 -3.64
N LEU B 277 4.59 -13.30 -4.54
CA LEU B 277 5.15 -11.97 -4.35
C LEU B 277 4.22 -10.98 -5.04
N TYR B 278 3.75 -9.99 -4.28
CA TYR B 278 2.82 -8.99 -4.80
C TYR B 278 3.50 -7.64 -4.96
N PHE B 279 3.07 -6.89 -5.97
CA PHE B 279 3.47 -5.50 -6.16
C PHE B 279 2.31 -4.59 -6.51
N LEU B 280 2.42 -3.36 -6.06
CA LEU B 280 1.55 -2.29 -6.50
C LEU B 280 2.48 -1.25 -7.07
N LEU B 281 2.22 -0.85 -8.31
CA LEU B 281 2.98 0.23 -8.94
C LEU B 281 2.07 1.43 -9.17
N GLU B 282 2.48 2.58 -8.65
CA GLU B 282 1.81 3.85 -8.92
C GLU B 282 2.62 4.61 -9.96
N MET B 283 1.96 5.05 -11.04
CA MET B 283 2.51 5.95 -12.05
C MET B 283 1.70 7.25 -12.05
N ALA B 284 2.37 8.38 -12.29
CA ALA B 284 1.73 9.69 -12.29
C ALA B 284 1.62 10.28 -13.69
N ASN B 285 0.70 11.21 -13.83
CA ASN B 285 0.62 12.04 -15.03
C ASN B 285 0.30 13.48 -14.59
N THR B 286 1.36 14.28 -14.45
CA THR B 286 1.22 15.66 -14.02
C THR B 286 1.11 16.65 -15.19
N THR B 287 0.96 16.16 -16.41
CA THR B 287 0.94 17.04 -17.57
C THR B 287 -0.16 18.07 -17.46
N TYR B 288 -1.28 17.69 -16.85
CA TYR B 288 -2.42 18.59 -16.72
C TYR B 288 -2.03 19.86 -15.98
N ILE B 289 -1.04 19.78 -15.09
CA ILE B 289 -0.65 20.91 -14.28
C ILE B 289 0.52 21.68 -14.89
N THR B 290 1.50 20.98 -15.46
CA THR B 290 2.70 21.67 -15.93
C THR B 290 2.57 22.23 -17.34
N SER B 291 1.80 21.57 -18.20
CA SER B 291 1.72 21.90 -19.61
C SER B 291 0.33 21.50 -20.16
N PRO B 292 -0.74 22.10 -19.65
CA PRO B 292 -2.09 21.71 -20.10
C PRO B 292 -2.32 21.96 -21.58
N GLU B 293 -1.56 22.87 -22.20
CA GLU B 293 -1.70 23.07 -23.64
C GLU B 293 -1.41 21.79 -24.41
N ASP B 294 -0.54 20.92 -23.87
CA ASP B 294 -0.19 19.64 -24.48
C ASP B 294 -1.28 18.64 -24.11
N ASN B 295 -2.36 18.64 -24.92
CA ASN B 295 -3.60 17.99 -24.53
C ASN B 295 -3.61 16.49 -24.78
N PHE B 296 -2.68 15.97 -25.58
CA PHE B 296 -2.67 14.52 -25.78
C PHE B 296 -2.26 13.80 -24.50
N ALA B 297 -1.14 14.23 -23.91
CA ALA B 297 -0.63 13.65 -22.68
C ALA B 297 -1.38 14.16 -21.46
N ALA B 298 -2.06 15.30 -21.58
CA ALA B 298 -2.94 15.87 -20.55
C ALA B 298 -4.40 15.58 -20.89
N SER B 299 -4.61 14.32 -21.26
CA SER B 299 -5.91 13.67 -21.31
C SER B 299 -5.63 12.27 -20.80
N ASN B 300 -6.63 11.39 -20.80
CA ASN B 300 -6.29 9.99 -20.59
C ASN B 300 -6.21 9.20 -21.90
N GLU B 301 -6.05 9.88 -23.02
CA GLU B 301 -5.49 9.20 -24.18
C GLU B 301 -4.09 8.69 -23.88
N ALA B 302 -3.46 9.16 -22.81
CA ALA B 302 -2.07 8.89 -22.50
C ALA B 302 -1.88 7.69 -21.56
N ARG B 303 -2.90 6.89 -21.39
CA ARG B 303 -2.80 5.74 -20.50
C ARG B 303 -1.75 4.75 -21.01
N PRO B 304 -0.97 4.15 -20.11
CA PRO B 304 0.13 3.28 -20.56
C PRO B 304 -0.35 2.02 -21.26
N TRP B 305 -1.58 1.60 -21.06
CA TRP B 305 -2.11 0.43 -21.75
C TRP B 305 -2.72 0.75 -23.12
N ARG B 306 -2.48 1.96 -23.66
CA ARG B 306 -2.98 2.26 -25.00
C ARG B 306 -2.37 1.32 -26.03
N ASN B 307 -1.06 1.09 -25.93
CA ASN B 307 -0.26 0.20 -26.75
C ASN B 307 0.42 -0.78 -25.80
N SER B 308 1.06 -1.79 -26.34
CA SER B 308 1.77 -2.79 -25.55
C SER B 308 3.23 -2.35 -25.43
N ILE B 309 3.65 -1.95 -24.23
CA ILE B 309 4.98 -1.40 -23.99
C ILE B 309 5.66 -2.27 -22.95
N PRO B 310 6.91 -2.72 -23.15
CA PRO B 310 7.52 -3.57 -22.11
C PRO B 310 7.64 -2.87 -20.77
N MET B 311 7.46 -3.66 -19.71
CA MET B 311 7.65 -3.30 -18.33
C MET B 311 8.39 -4.47 -17.65
N TYR B 312 9.28 -4.17 -16.72
CA TYR B 312 10.07 -5.22 -16.11
C TYR B 312 10.11 -5.13 -14.59
N LEU B 313 10.08 -6.27 -13.93
CA LEU B 313 10.49 -6.39 -12.54
C LEU B 313 11.78 -7.18 -12.51
N ALA B 314 12.86 -6.51 -12.16
CA ALA B 314 14.16 -7.17 -12.03
C ALA B 314 14.30 -7.60 -10.58
N LEU B 315 14.63 -8.86 -10.37
CA LEU B 315 14.72 -9.41 -9.03
C LEU B 315 16.08 -10.02 -8.83
N SER B 316 16.51 -10.02 -7.56
CA SER B 316 17.75 -10.67 -7.12
C SER B 316 17.37 -11.74 -6.10
N ILE B 317 17.36 -12.99 -6.53
CA ILE B 317 16.97 -14.10 -5.68
C ILE B 317 18.23 -14.67 -5.01
N ASP B 318 19.19 -15.12 -5.82
CA ASP B 318 20.53 -15.49 -5.38
C ASP B 318 21.40 -14.23 -5.36
N PRO B 319 21.70 -13.69 -4.18
CA PRO B 319 22.36 -12.39 -4.12
C PRO B 319 23.75 -12.33 -4.74
N ALA B 320 24.41 -13.47 -4.94
CA ALA B 320 25.76 -13.45 -5.45
C ALA B 320 25.81 -13.38 -6.98
N LYS B 321 24.70 -13.66 -7.67
CA LYS B 321 24.74 -13.75 -9.12
C LYS B 321 24.63 -12.37 -9.76
N GLN B 322 25.41 -12.16 -10.81
CA GLN B 322 25.34 -10.94 -11.61
C GLN B 322 24.90 -11.28 -13.03
N ALA B 323 23.75 -10.79 -13.42
CA ALA B 323 23.27 -10.89 -14.79
C ALA B 323 23.35 -9.49 -15.40
N THR B 324 24.06 -9.36 -16.51
CA THR B 324 24.28 -8.06 -17.13
C THR B 324 23.06 -7.54 -17.88
N GLY B 325 22.09 -8.42 -18.19
CA GLY B 325 21.02 -8.18 -19.15
C GLY B 325 21.12 -9.05 -20.38
N LYS B 326 22.32 -9.54 -20.70
CA LYS B 326 22.55 -10.37 -21.86
C LYS B 326 21.70 -11.63 -21.78
N ALA B 327 21.27 -12.08 -22.96
CA ALA B 327 20.37 -13.21 -23.09
C ALA B 327 20.94 -14.24 -24.05
N VAL B 328 20.55 -15.51 -23.81
CA VAL B 328 21.07 -16.64 -24.58
C VAL B 328 19.90 -17.54 -24.92
N GLY B 329 19.88 -18.07 -26.15
CA GLY B 329 18.91 -19.09 -26.51
C GLY B 329 19.46 -20.03 -27.57
N THR B 330 18.70 -21.07 -27.87
CA THR B 330 19.11 -22.00 -28.92
C THR B 330 18.10 -21.98 -30.05
N ASN B 331 18.61 -22.10 -31.28
CA ASN B 331 17.77 -22.13 -32.46
C ASN B 331 17.21 -23.53 -32.71
N LYS B 332 16.31 -23.59 -33.69
CA LYS B 332 15.71 -24.86 -34.08
C LYS B 332 16.77 -25.88 -34.47
N ASP B 333 17.82 -25.44 -35.16
CA ASP B 333 18.89 -26.35 -35.55
C ASP B 333 19.93 -26.56 -34.46
N GLY B 334 19.62 -26.17 -33.22
CA GLY B 334 20.52 -26.39 -32.10
C GLY B 334 21.60 -25.34 -31.92
N SER B 335 21.82 -24.44 -32.87
CA SER B 335 22.87 -23.46 -32.67
C SER B 335 22.47 -22.44 -31.60
N VAL B 336 23.48 -21.92 -30.91
CA VAL B 336 23.32 -20.97 -29.82
C VAL B 336 23.41 -19.56 -30.35
N TYR B 337 22.54 -18.68 -29.84
CA TYR B 337 22.61 -17.26 -30.15
C TYR B 337 22.53 -16.47 -28.85
N THR B 338 23.05 -15.24 -28.88
CA THR B 338 22.88 -14.32 -27.76
C THR B 338 22.36 -12.97 -28.27
N ASN B 339 21.71 -12.24 -27.38
CA ASN B 339 21.28 -10.86 -27.58
C ASN B 339 21.73 -10.03 -26.39
N PRO B 340 21.98 -8.74 -26.58
CA PRO B 340 22.39 -7.90 -25.42
C PRO B 340 21.29 -7.68 -24.39
N PHE B 341 20.02 -7.81 -24.75
CA PHE B 341 18.90 -7.72 -23.83
C PHE B 341 17.83 -8.74 -24.23
N VAL B 342 16.95 -9.09 -23.29
CA VAL B 342 16.00 -10.16 -23.58
C VAL B 342 15.07 -9.76 -24.71
N TRP B 343 14.63 -8.50 -24.71
CA TRP B 343 13.68 -7.97 -25.69
C TRP B 343 14.31 -6.71 -26.28
N GLY B 344 14.03 -6.42 -27.55
CA GLY B 344 14.52 -5.21 -28.19
C GLY B 344 14.80 -5.40 -29.67
N CYS B 345 15.53 -4.44 -30.26
CA CYS B 345 15.91 -4.49 -31.68
C CYS B 345 17.36 -4.97 -31.81
N THR B 346 17.53 -6.25 -32.10
CA THR B 346 18.83 -6.82 -32.44
C THR B 346 18.66 -7.94 -33.49
N ASP B 352 18.76 0.45 -30.65
CA ASP B 352 17.72 1.23 -29.95
C ASP B 352 17.63 0.90 -28.46
N GLY B 353 18.70 0.25 -27.95
CA GLY B 353 19.04 0.29 -26.55
C GLY B 353 18.33 -0.71 -25.66
N GLY B 354 18.49 -0.45 -24.37
CA GLY B 354 17.97 -1.36 -23.37
C GLY B 354 18.55 -0.99 -22.02
N THR B 355 18.23 -1.82 -21.03
CA THR B 355 18.68 -1.61 -19.66
C THR B 355 19.54 -2.79 -19.23
N GLY B 356 20.78 -2.51 -18.85
CA GLY B 356 21.68 -3.49 -18.30
C GLY B 356 21.83 -3.27 -16.80
N PHE B 357 22.62 -4.15 -16.19
CA PHE B 357 22.73 -4.22 -14.74
C PHE B 357 24.16 -4.43 -14.31
N THR B 358 24.63 -3.57 -13.42
CA THR B 358 25.80 -3.81 -12.58
C THR B 358 25.39 -4.34 -11.22
N THR B 359 24.49 -3.64 -10.55
CA THR B 359 23.83 -4.17 -9.38
C THR B 359 23.30 -5.57 -9.66
N HIS B 360 23.45 -6.46 -8.69
CA HIS B 360 23.19 -7.87 -8.93
C HIS B 360 21.69 -8.12 -9.09
N ILE B 361 21.34 -8.80 -10.19
CA ILE B 361 20.02 -9.39 -10.40
C ILE B 361 20.23 -10.76 -11.00
N ASP B 362 19.19 -11.59 -10.94
CA ASP B 362 19.25 -12.90 -11.59
C ASP B 362 17.92 -13.36 -12.15
N THR B 363 16.88 -12.52 -12.10
CA THR B 363 15.55 -12.88 -12.55
C THR B 363 14.93 -11.64 -13.20
N LEU B 364 14.25 -11.86 -14.33
CA LEU B 364 13.57 -10.77 -15.00
C LEU B 364 12.15 -11.18 -15.34
N VAL B 365 11.19 -10.49 -14.74
CA VAL B 365 9.78 -10.64 -15.05
C VAL B 365 9.51 -9.65 -16.18
N ALA B 366 9.41 -10.17 -17.39
CA ALA B 366 9.18 -9.35 -18.57
C ALA B 366 7.71 -9.38 -18.93
N PHE B 367 7.00 -8.26 -18.67
CA PHE B 367 5.58 -8.18 -19.00
C PHE B 367 5.31 -6.94 -19.83
N ASP B 368 4.04 -6.58 -20.02
CA ASP B 368 3.77 -5.47 -20.93
C ASP B 368 2.55 -4.68 -20.47
N SER B 369 2.53 -3.41 -20.89
CA SER B 369 1.70 -2.41 -20.24
C SER B 369 0.19 -2.59 -20.46
N ASN B 370 -0.24 -3.28 -21.51
CA ASN B 370 -1.67 -3.62 -21.62
C ASN B 370 -1.92 -5.11 -21.48
N ASN B 371 -0.91 -5.88 -21.11
CA ASN B 371 -1.04 -7.32 -20.88
C ASN B 371 -1.64 -8.02 -22.10
N SER B 372 -1.06 -7.70 -23.24
CA SER B 372 -1.41 -8.34 -24.51
C SER B 372 -0.26 -9.11 -25.15
N ASN B 373 0.95 -9.05 -24.59
CA ASN B 373 2.09 -9.74 -25.21
C ASN B 373 2.10 -11.18 -24.72
N GLY B 374 1.68 -12.10 -25.58
CA GLY B 374 1.70 -13.50 -25.20
C GLY B 374 3.06 -14.05 -24.86
N GLY B 375 4.12 -13.35 -25.26
CA GLY B 375 5.49 -13.74 -24.99
C GLY B 375 6.04 -13.29 -23.65
N ALA B 376 5.25 -12.54 -22.87
CA ALA B 376 5.63 -12.21 -21.51
C ALA B 376 6.12 -13.45 -20.77
N SER B 377 7.24 -13.31 -20.08
CA SER B 377 7.92 -14.47 -19.54
C SER B 377 8.70 -14.05 -18.31
N ILE B 378 8.93 -15.00 -17.41
CA ILE B 378 9.91 -14.85 -16.32
C ILE B 378 11.19 -15.53 -16.78
N PHE B 379 12.24 -14.73 -16.87
CA PHE B 379 13.55 -15.17 -17.34
C PHE B 379 14.47 -15.41 -16.15
N LYS B 380 15.20 -16.51 -16.17
CA LYS B 380 16.23 -16.78 -15.17
C LYS B 380 17.62 -16.65 -15.78
N ALA B 381 18.52 -16.01 -15.03
CA ALA B 381 19.92 -15.89 -15.44
C ALA B 381 20.63 -17.15 -15.00
N ASP B 382 20.40 -18.23 -15.76
CA ASP B 382 20.80 -19.57 -15.35
C ASP B 382 21.93 -20.13 -16.20
N THR B 383 22.49 -19.33 -17.12
CA THR B 383 23.56 -19.78 -18.02
C THR B 383 24.76 -18.85 -17.90
N GLN B 384 25.90 -19.42 -17.55
CA GLN B 384 27.11 -18.64 -17.33
C GLN B 384 27.75 -18.28 -18.66
N ASP B 385 28.19 -17.02 -18.78
CA ASP B 385 28.95 -16.52 -19.92
C ASP B 385 30.45 -16.68 -19.69
N THR B 386 31.22 -16.37 -20.74
CA THR B 386 32.67 -16.50 -20.72
C THR B 386 33.33 -15.70 -19.60
N ASP B 387 32.70 -14.60 -19.20
CA ASP B 387 33.25 -13.67 -18.21
C ASP B 387 32.72 -13.97 -16.82
N GLY B 388 32.04 -15.09 -16.63
CA GLY B 388 31.54 -15.47 -15.33
C GLY B 388 30.22 -14.86 -14.92
N THR B 389 29.70 -13.89 -15.67
CA THR B 389 28.36 -13.40 -15.40
C THR B 389 27.36 -14.40 -15.96
N TYR B 390 26.08 -14.15 -15.69
CA TYR B 390 25.00 -15.04 -16.08
C TYR B 390 24.08 -14.38 -17.11
N MET B 391 23.59 -15.19 -18.04
CA MET B 391 22.71 -14.74 -19.11
C MET B 391 21.29 -15.26 -18.91
N PHE B 392 20.32 -14.39 -19.20
CA PHE B 392 18.90 -14.77 -19.18
C PHE B 392 18.63 -15.74 -20.32
N ASN B 393 17.94 -16.85 -20.01
CA ASN B 393 17.84 -17.98 -20.93
C ASN B 393 16.44 -18.08 -21.54
N TYR B 394 16.39 -17.89 -22.87
CA TYR B 394 15.12 -18.06 -23.56
C TYR B 394 14.58 -19.49 -23.42
N ASP B 395 15.49 -20.46 -23.36
CA ASP B 395 15.12 -21.88 -23.43
C ASP B 395 14.44 -22.34 -22.16
N THR B 396 14.69 -21.68 -21.04
CA THR B 396 14.14 -22.08 -19.74
C THR B 396 13.15 -21.06 -19.19
N ARG B 397 12.72 -20.10 -20.00
CA ARG B 397 11.83 -19.07 -19.49
C ARG B 397 10.47 -19.66 -19.14
N ILE B 398 9.84 -19.05 -18.15
CA ILE B 398 8.51 -19.45 -17.68
C ILE B 398 7.47 -18.56 -18.35
N PRO B 399 6.60 -19.11 -19.19
CA PRO B 399 5.59 -18.27 -19.85
C PRO B 399 4.60 -17.71 -18.85
N ILE B 400 4.33 -16.40 -18.95
CA ILE B 400 3.31 -15.76 -18.12
C ILE B 400 2.32 -14.97 -18.95
N GLY B 401 2.42 -15.00 -20.29
CA GLY B 401 1.58 -14.16 -21.12
C GLY B 401 0.15 -14.69 -21.20
N VAL B 402 -0.70 -13.82 -21.73
CA VAL B 402 -2.09 -14.20 -21.92
C VAL B 402 -2.20 -15.22 -23.06
N THR B 403 -3.29 -15.98 -23.05
CA THR B 403 -3.69 -16.71 -24.26
C THR B 403 -4.40 -15.81 -25.24
N SER B 404 -5.32 -14.96 -24.77
CA SER B 404 -5.75 -13.84 -25.61
C SER B 404 -6.00 -12.61 -24.75
N PHE B 405 -5.76 -11.46 -25.38
CA PHE B 405 -5.93 -10.16 -24.72
C PHE B 405 -7.30 -10.06 -24.05
N GLN B 406 -8.35 -10.50 -24.75
CA GLN B 406 -9.70 -10.31 -24.23
C GLN B 406 -9.93 -11.13 -22.97
N ALA B 407 -9.32 -12.30 -22.88
CA ALA B 407 -9.51 -13.16 -21.72
C ALA B 407 -8.66 -12.73 -20.52
N GLN B 408 -7.55 -12.05 -20.76
CA GLN B 408 -6.61 -11.69 -19.70
C GLN B 408 -6.29 -12.93 -18.84
N ASP B 409 -6.02 -14.05 -19.54
CA ASP B 409 -5.74 -15.33 -18.91
C ASP B 409 -4.25 -15.60 -18.95
N ASN B 410 -3.53 -15.01 -17.99
CA ASN B 410 -2.08 -15.20 -17.93
C ASN B 410 -1.75 -16.61 -17.46
N LYS B 411 -0.59 -17.07 -17.88
CA LYS B 411 -0.11 -18.42 -17.63
C LYS B 411 0.73 -18.49 -16.36
N ASN B 412 0.76 -19.69 -15.78
CA ASN B 412 1.62 -20.06 -14.65
C ASN B 412 1.36 -19.18 -13.43
N GLY B 413 0.13 -18.69 -13.26
CA GLY B 413 -0.26 -18.05 -12.04
C GLY B 413 0.07 -16.57 -11.96
N PHE B 414 0.74 -16.03 -12.96
CA PHE B 414 0.95 -14.58 -13.00
C PHE B 414 -0.38 -13.85 -13.02
N LYS B 415 -0.47 -12.77 -12.24
CA LYS B 415 -1.67 -11.95 -12.21
C LYS B 415 -1.28 -10.51 -12.42
N ILE B 416 -2.04 -9.79 -13.25
CA ILE B 416 -1.84 -8.36 -13.45
C ILE B 416 -3.17 -7.68 -13.73
N LYS B 417 -3.41 -6.61 -13.00
CA LYS B 417 -4.55 -5.71 -13.18
C LYS B 417 -4.05 -4.27 -13.26
N TYR B 418 -4.65 -3.49 -14.16
CA TYR B 418 -4.32 -2.07 -14.27
C TYR B 418 -5.58 -1.23 -14.39
N ALA B 419 -5.46 0.03 -13.94
CA ALA B 419 -6.58 0.98 -13.91
C ALA B 419 -6.07 2.39 -13.66
N ASN B 420 -6.94 3.37 -13.88
CA ASN B 420 -6.66 4.73 -13.42
C ASN B 420 -6.87 4.80 -11.92
N GLY B 421 -6.09 5.64 -11.26
CA GLY B 421 -6.24 5.86 -9.84
C GLY B 421 -4.91 6.22 -9.20
N THR B 422 -5.01 6.60 -7.93
CA THR B 422 -3.88 7.06 -7.15
C THR B 422 -4.07 6.55 -5.72
N LYS B 423 -3.03 5.96 -5.14
CA LYS B 423 -3.05 5.49 -3.76
C LYS B 423 -2.44 6.51 -2.81
N SER B 424 -1.28 7.06 -3.15
CA SER B 424 -0.65 8.12 -2.37
C SER B 424 -1.60 9.32 -2.24
N THR B 425 -1.50 10.02 -1.12
CA THR B 425 -2.23 11.27 -0.95
C THR B 425 -1.36 12.48 -1.14
N SER B 426 -0.07 12.27 -1.41
CA SER B 426 0.87 13.32 -1.80
CA SER B 426 0.87 13.32 -1.80
C SER B 426 1.60 12.86 -3.06
N ILE B 427 1.84 13.78 -3.97
CA ILE B 427 2.50 13.47 -5.23
C ILE B 427 3.58 14.53 -5.37
N PHE B 428 4.79 14.26 -4.87
CA PHE B 428 5.84 15.25 -4.87
C PHE B 428 6.63 15.24 -6.18
N GLY B 429 6.98 16.42 -6.64
CA GLY B 429 7.89 16.56 -7.76
C GLY B 429 8.05 18.04 -8.07
N ILE B 430 8.86 18.33 -9.07
CA ILE B 430 9.20 19.70 -9.41
C ILE B 430 8.16 20.26 -10.35
N ASN B 431 7.60 21.43 -10.01
CA ASN B 431 6.64 22.12 -10.86
C ASN B 431 7.39 23.23 -11.60
N ALA B 432 7.56 23.06 -12.90
CA ALA B 432 8.26 24.05 -13.71
C ALA B 432 7.74 23.93 -15.13
N PRO B 433 7.76 25.03 -15.90
CA PRO B 433 7.22 24.97 -17.25
C PRO B 433 8.12 24.18 -18.17
N LYS B 434 7.51 23.74 -19.27
CA LYS B 434 8.25 22.95 -20.24
C LYS B 434 9.49 23.72 -20.71
N GLY B 435 10.56 22.97 -20.93
CA GLY B 435 11.81 23.48 -21.44
C GLY B 435 12.69 24.20 -20.43
N SER B 436 12.24 24.36 -19.18
CA SER B 436 13.00 25.09 -18.17
C SER B 436 13.70 24.18 -17.16
N ARG B 437 13.64 22.86 -17.34
CA ARG B 437 14.24 21.94 -16.38
C ARG B 437 15.75 21.90 -16.53
N VAL B 438 16.40 21.70 -15.40
CA VAL B 438 17.86 21.69 -15.29
C VAL B 438 18.28 20.28 -14.93
N MET B 439 19.20 19.73 -15.71
CA MET B 439 19.71 18.40 -15.46
C MET B 439 20.18 18.29 -14.03
N GLY B 440 19.77 17.22 -13.36
CA GLY B 440 20.03 17.01 -11.95
C GLY B 440 19.10 17.70 -10.97
N ASP B 441 18.07 18.41 -11.45
CA ASP B 441 17.32 19.27 -10.52
C ASP B 441 16.53 18.45 -9.50
N ASN B 442 16.33 17.14 -9.74
CA ASN B 442 15.60 16.34 -8.76
C ASN B 442 16.40 16.01 -7.51
N LEU B 443 17.69 16.28 -7.51
CA LEU B 443 18.52 16.09 -6.33
C LEU B 443 18.84 17.40 -5.63
N ASP B 444 18.24 18.52 -6.12
CA ASP B 444 18.44 19.88 -5.57
C ASP B 444 17.22 20.23 -4.71
N MET B 445 17.41 20.30 -3.39
CA MET B 445 16.25 20.53 -2.55
C MET B 445 15.67 21.92 -2.73
N ASN B 446 16.39 22.84 -3.38
CA ASN B 446 15.89 24.19 -3.63
C ASN B 446 15.24 24.35 -5.00
N SER B 447 15.11 23.27 -5.76
CA SER B 447 14.18 23.25 -6.89
C SER B 447 12.75 23.54 -6.43
N ASN B 448 11.85 23.80 -7.38
CA ASN B 448 10.49 24.17 -7.05
C ASN B 448 9.65 22.90 -6.78
N TRP B 449 9.96 22.26 -5.68
CA TRP B 449 9.24 21.06 -5.25
C TRP B 449 7.82 21.43 -4.82
N VAL B 450 6.85 20.66 -5.28
CA VAL B 450 5.48 20.81 -4.82
C VAL B 450 4.88 19.43 -4.52
N ASP B 451 3.82 19.43 -3.73
CA ASP B 451 2.83 18.36 -3.78
C ASP B 451 1.81 18.73 -4.85
N PHE B 452 1.76 17.94 -5.93
CA PHE B 452 0.85 18.29 -7.01
C PHE B 452 -0.61 18.24 -6.60
N PHE B 453 -0.96 17.58 -5.49
CA PHE B 453 -2.33 17.64 -5.00
C PHE B 453 -2.68 19.04 -4.50
N ASP B 454 -1.67 19.88 -4.21
CA ASP B 454 -1.92 21.28 -3.89
C ASP B 454 -2.09 22.13 -5.15
N GLU B 455 -1.87 21.54 -6.33
CA GLU B 455 -1.80 22.29 -7.58
C GLU B 455 -2.77 21.76 -8.61
N GLY B 456 -3.78 21.00 -8.18
CA GLY B 456 -4.86 20.57 -9.03
C GLY B 456 -4.80 19.13 -9.50
N TYR B 457 -3.88 18.35 -8.97
CA TYR B 457 -3.84 16.93 -9.33
C TYR B 457 -5.12 16.25 -8.87
N LYS B 458 -5.52 15.21 -9.61
CA LYS B 458 -6.73 14.44 -9.32
C LYS B 458 -6.38 12.96 -9.34
N ASN B 459 -7.10 12.20 -8.51
CA ASN B 459 -6.85 10.76 -8.36
C ASN B 459 -6.82 10.08 -9.71
N SER B 460 -7.75 10.45 -10.59
CA SER B 460 -7.90 9.77 -11.87
C SER B 460 -6.79 10.09 -12.85
N TYR B 461 -5.95 11.09 -12.56
CA TYR B 461 -4.83 11.34 -13.45
C TYR B 461 -3.81 10.19 -13.44
N GLY B 462 -3.73 9.45 -12.32
CA GLY B 462 -2.73 8.44 -12.15
C GLY B 462 -3.12 7.10 -12.75
N TYR B 463 -2.12 6.22 -12.83
CA TYR B 463 -2.29 4.84 -13.27
C TYR B 463 -1.70 3.89 -12.23
N VAL B 464 -2.35 2.73 -12.04
CA VAL B 464 -1.88 1.74 -11.08
C VAL B 464 -1.86 0.35 -11.71
N TYR B 465 -0.85 -0.42 -11.30
CA TYR B 465 -0.69 -1.81 -11.71
C TYR B 465 -0.59 -2.66 -10.44
N GLU B 466 -1.46 -3.66 -10.32
CA GLU B 466 -1.42 -4.62 -9.23
C GLU B 466 -1.01 -5.97 -9.80
N ILE B 467 -0.01 -6.59 -9.20
CA ILE B 467 0.69 -7.72 -9.79
C ILE B 467 0.93 -8.82 -8.75
N ALA B 468 0.80 -10.08 -9.18
CA ALA B 468 1.23 -11.23 -8.38
C ALA B 468 2.20 -12.09 -9.18
N VAL B 469 3.35 -12.39 -8.60
CA VAL B 469 4.36 -13.27 -9.16
C VAL B 469 4.43 -14.51 -8.27
N PRO B 470 4.06 -15.70 -8.76
CA PRO B 470 4.09 -16.89 -7.88
C PRO B 470 5.50 -17.21 -7.39
N LEU B 471 5.61 -17.57 -6.11
CA LEU B 471 6.90 -17.97 -5.56
C LEU B 471 7.40 -19.22 -6.26
N ASN B 472 6.51 -20.08 -6.76
CA ASN B 472 7.00 -21.27 -7.44
C ASN B 472 7.67 -20.96 -8.78
N THR B 473 7.41 -19.78 -9.37
CA THR B 473 8.15 -19.39 -10.57
C THR B 473 9.49 -18.78 -10.23
N LEU B 474 9.74 -18.49 -8.95
CA LEU B 474 10.97 -17.86 -8.51
C LEU B 474 11.90 -18.80 -7.79
N GLY B 475 11.44 -20.02 -7.51
CA GLY B 475 12.26 -21.02 -6.88
C GLY B 475 12.48 -20.82 -5.39
N ILE B 476 11.59 -20.07 -4.73
CA ILE B 476 11.73 -19.70 -3.33
C ILE B 476 10.39 -19.92 -2.64
N ASP B 477 10.41 -19.81 -1.31
CA ASP B 477 9.20 -19.88 -0.49
C ASP B 477 9.21 -18.72 0.49
N ARG B 478 8.17 -18.66 1.33
CA ARG B 478 8.04 -17.52 2.24
C ARG B 478 9.17 -17.48 3.24
N SER B 479 9.63 -18.66 3.70
CA SER B 479 10.75 -18.66 4.64
C SER B 479 11.97 -18.00 4.04
N TYR B 480 12.24 -18.26 2.75
CA TYR B 480 13.37 -17.61 2.09
C TYR B 480 13.23 -16.10 2.12
N ILE B 481 12.02 -15.59 1.82
CA ILE B 481 11.81 -14.15 1.76
C ILE B 481 12.04 -13.52 3.14
N GLU B 482 11.55 -14.16 4.19
CA GLU B 482 11.60 -13.58 5.52
C GLU B 482 12.93 -13.80 6.21
N THR B 483 13.73 -14.75 5.73
CA THR B 483 15.04 -15.03 6.30
C THR B 483 16.17 -14.40 5.49
N GLN B 484 16.30 -14.79 4.21
CA GLN B 484 17.37 -14.26 3.38
C GLN B 484 16.94 -12.97 2.68
N GLY B 485 15.66 -12.86 2.32
CA GLY B 485 15.15 -11.70 1.60
C GLY B 485 15.50 -11.81 0.13
N ILE B 486 14.95 -10.88 -0.67
CA ILE B 486 15.29 -10.73 -2.08
C ILE B 486 15.35 -9.23 -2.38
N GLY B 487 15.77 -8.91 -3.60
CA GLY B 487 15.79 -7.53 -4.07
C GLY B 487 14.93 -7.35 -5.30
N ALA B 488 14.40 -6.15 -5.48
CA ALA B 488 13.53 -5.85 -6.61
C ALA B 488 13.74 -4.43 -7.14
N MET B 489 13.48 -4.27 -8.43
CA MET B 489 13.38 -2.98 -9.08
C MET B 489 12.37 -3.06 -10.21
N GLN B 490 11.47 -2.09 -10.25
CA GLN B 490 10.56 -1.91 -11.37
C GLN B 490 11.23 -1.03 -12.41
N ILE B 491 11.17 -1.45 -13.67
CA ILE B 491 11.67 -0.68 -14.81
C ILE B 491 10.50 -0.31 -15.72
N LEU B 492 10.39 0.98 -16.05
CA LEU B 492 9.52 1.45 -17.12
C LEU B 492 10.38 1.77 -18.33
N THR B 493 9.81 1.50 -19.51
CA THR B 493 10.42 1.78 -20.80
C THR B 493 9.43 2.50 -21.71
N TYR B 494 9.93 3.04 -22.81
CA TYR B 494 9.01 3.41 -23.89
C TYR B 494 9.41 2.68 -25.19
N GLY B 495 9.20 1.37 -25.15
CA GLY B 495 9.59 0.54 -26.27
C GLY B 495 10.77 -0.33 -25.93
N THR B 496 11.94 0.28 -25.77
CA THR B 496 13.19 -0.46 -25.60
C THR B 496 13.89 -0.01 -24.32
N SER B 497 14.45 1.20 -24.31
CA SER B 497 15.30 1.65 -23.22
C SER B 497 14.51 2.09 -21.99
N GLY B 498 15.20 2.09 -20.85
CA GLY B 498 14.58 2.56 -19.62
C GLY B 498 14.25 4.05 -19.65
N MET B 499 13.19 4.39 -18.97
CA MET B 499 12.76 5.75 -18.79
C MET B 499 12.70 6.18 -17.33
N ASP B 500 12.28 5.29 -16.43
CA ASP B 500 12.13 5.58 -15.02
C ASP B 500 12.19 4.22 -14.33
N THR B 501 12.68 4.22 -13.08
CA THR B 501 12.85 3.00 -12.30
C THR B 501 12.50 3.30 -10.84
N LEU B 502 12.13 2.26 -10.11
CA LEU B 502 11.92 2.33 -8.67
C LEU B 502 12.62 1.14 -8.03
N PRO B 503 13.67 1.36 -7.22
CA PRO B 503 14.33 2.63 -6.90
C PRO B 503 14.83 3.35 -8.16
N HIS B 504 14.83 4.67 -8.07
CA HIS B 504 15.29 5.49 -9.18
C HIS B 504 16.80 5.37 -9.38
N ASP B 505 17.19 5.27 -10.64
CA ASP B 505 18.60 5.11 -11.01
C ASP B 505 19.00 6.27 -11.94
N PRO B 506 20.11 6.95 -11.69
CA PRO B 506 20.45 8.14 -12.51
C PRO B 506 20.67 7.83 -13.97
N SER B 507 20.92 6.56 -14.35
CA SER B 507 21.05 6.25 -15.77
C SER B 507 19.74 6.47 -16.51
N MET B 508 18.63 6.65 -15.79
CA MET B 508 17.38 6.94 -16.46
C MET B 508 17.37 8.36 -17.03
N LEU B 509 18.30 9.22 -16.59
CA LEU B 509 18.24 10.64 -16.95
C LEU B 509 19.57 11.19 -17.44
N ASP B 510 20.61 10.36 -17.52
CA ASP B 510 21.92 10.89 -17.88
C ASP B 510 21.94 11.49 -19.28
N GLN B 511 21.03 11.06 -20.15
CA GLN B 511 20.93 11.59 -21.51
C GLN B 511 19.54 12.08 -21.85
N ALA B 512 18.80 12.55 -20.85
CA ALA B 512 17.40 12.90 -21.06
C ALA B 512 17.24 14.13 -21.95
N ASN B 513 18.21 15.01 -21.94
CA ASN B 513 18.13 16.25 -22.72
C ASN B 513 18.72 16.13 -24.11
N LEU B 514 19.13 14.95 -24.52
CA LEU B 514 19.67 14.69 -25.84
C LEU B 514 18.54 14.22 -26.75
N GLU B 515 18.75 14.36 -28.07
CA GLU B 515 17.68 14.16 -29.04
C GLU B 515 17.53 12.70 -29.47
N TYR B 516 16.28 12.29 -29.60
CA TYR B 516 15.92 10.97 -30.11
C TYR B 516 16.17 10.92 -31.60
N SER B 517 16.85 9.87 -32.05
CA SER B 517 17.27 9.78 -33.45
C SER B 517 16.10 9.86 -34.42
N TYR B 518 14.94 9.36 -34.05
CA TYR B 518 13.78 9.29 -34.92
C TYR B 518 12.90 10.53 -34.87
N ASP B 519 13.06 11.40 -33.87
CA ASP B 519 12.15 12.53 -33.65
C ASP B 519 12.86 13.43 -32.65
N PRO B 520 13.58 14.46 -33.12
CA PRO B 520 14.43 15.24 -32.20
C PRO B 520 13.67 16.08 -31.18
N SER B 521 12.35 16.16 -31.25
CA SER B 521 11.62 16.84 -30.19
C SER B 521 11.50 15.99 -28.92
N THR B 522 11.91 14.73 -28.96
CA THR B 522 11.73 13.80 -27.86
C THR B 522 13.11 13.23 -27.46
N SER B 523 13.12 12.47 -26.36
CA SER B 523 14.34 12.21 -25.61
C SER B 523 15.06 10.96 -26.10
N HIS B 524 16.37 11.11 -26.27
CA HIS B 524 17.27 9.99 -26.49
C HIS B 524 17.22 8.91 -25.41
N GLU B 525 16.67 9.21 -24.23
CA GLU B 525 16.55 8.15 -23.22
C GLU B 525 15.65 6.99 -23.68
N LYS B 526 14.85 7.19 -24.73
CA LYS B 526 14.07 6.09 -25.30
C LYS B 526 14.90 5.07 -26.08
N GLU B 527 16.18 5.36 -26.37
CA GLU B 527 16.95 4.48 -27.24
C GLU B 527 18.36 4.20 -26.77
N ASP B 528 18.78 4.74 -25.63
CA ASP B 528 20.15 4.58 -25.18
C ASP B 528 20.28 3.30 -24.35
N ILE B 529 21.50 3.05 -23.90
CA ILE B 529 21.82 1.92 -23.06
C ILE B 529 21.95 2.44 -21.62
N ASP B 530 21.04 2.04 -20.75
CA ASP B 530 21.07 2.36 -19.34
C ASP B 530 21.81 1.24 -18.61
N ASN B 531 22.35 1.57 -17.46
CA ASN B 531 23.03 0.55 -16.67
C ASN B 531 22.75 0.80 -15.20
N ILE B 532 22.07 -0.15 -14.56
CA ILE B 532 21.64 0.04 -13.18
C ILE B 532 22.82 -0.17 -12.25
N THR B 533 23.10 0.85 -11.43
CA THR B 533 24.17 0.81 -10.45
C THR B 533 23.74 1.13 -9.01
N VAL B 534 22.47 1.49 -8.77
CA VAL B 534 21.96 1.75 -7.43
C VAL B 534 21.48 0.44 -6.78
N PRO B 535 21.30 0.41 -5.46
CA PRO B 535 20.75 -0.79 -4.83
C PRO B 535 19.32 -1.07 -5.25
N LEU B 536 19.01 -2.34 -5.38
CA LEU B 536 17.63 -2.74 -5.46
C LEU B 536 16.93 -2.49 -4.14
N ALA B 537 15.61 -2.42 -4.17
CA ALA B 537 14.82 -2.36 -2.96
C ALA B 537 14.74 -3.76 -2.36
N ARG B 538 14.95 -3.86 -1.05
CA ARG B 538 14.89 -5.16 -0.41
C ARG B 538 13.45 -5.53 -0.05
N ILE B 539 13.17 -6.83 -0.12
CA ILE B 539 11.89 -7.40 0.26
C ILE B 539 12.18 -8.45 1.32
N GLY B 540 11.51 -8.33 2.46
CA GLY B 540 11.63 -9.37 3.46
C GLY B 540 12.78 -9.21 4.42
N ALA B 541 14.02 -9.16 3.92
CA ALA B 541 15.16 -8.99 4.81
C ALA B 541 16.32 -8.30 4.11
N LEU B 542 17.14 -7.63 4.93
CA LEU B 542 18.35 -7.00 4.41
C LEU B 542 19.45 -8.00 4.11
N LEU B 543 20.33 -7.62 3.19
CA LEU B 543 21.55 -8.37 2.93
C LEU B 543 22.39 -8.34 4.21
N PRO B 544 23.13 -9.42 4.48
CA PRO B 544 23.84 -9.51 5.78
C PRO B 544 24.94 -8.48 5.96
N ASP B 545 25.61 -8.02 4.89
CA ASP B 545 26.68 -7.04 5.02
C ASP B 545 26.17 -5.60 4.90
N THR B 546 24.90 -5.35 5.28
CA THR B 546 24.34 -4.01 5.14
C THR B 546 24.97 -3.05 6.15
N GLU B 547 25.35 -1.87 5.67
CA GLU B 547 25.75 -0.75 6.52
C GLU B 547 24.68 0.33 6.44
N VAL B 548 24.24 0.81 7.60
CA VAL B 548 23.22 1.85 7.70
C VAL B 548 23.91 3.18 7.98
N ASN B 549 23.54 4.20 7.20
CA ASN B 549 23.93 5.60 7.44
C ASN B 549 22.72 6.27 8.10
N GLU B 550 22.65 6.20 9.42
CA GLU B 550 21.47 6.65 10.14
C GLU B 550 21.35 8.17 10.14
N ALA B 551 20.17 8.66 9.82
CA ALA B 551 19.89 10.09 9.94
C ALA B 551 19.85 10.48 11.40
N PRO B 552 20.68 11.43 11.86
CA PRO B 552 20.70 11.74 13.29
C PRO B 552 19.54 12.64 13.68
N PHE B 553 19.20 12.56 14.95
CA PHE B 553 18.29 13.53 15.57
C PHE B 553 18.75 14.94 15.24
N GLU B 554 17.89 15.71 14.60
CA GLU B 554 18.25 17.08 14.24
C GLU B 554 17.09 18.00 14.53
N VAL B 555 17.39 19.30 14.64
CA VAL B 555 16.39 20.31 14.89
C VAL B 555 16.45 21.37 13.80
N ASN B 556 15.27 21.81 13.33
CA ASN B 556 15.13 23.00 12.49
C ASN B 556 14.74 24.11 13.46
N PHE B 557 15.61 25.10 13.62
CA PHE B 557 15.44 26.11 14.66
C PHE B 557 15.66 27.50 14.12
N GLY B 558 14.91 28.44 14.67
CA GLY B 558 15.27 29.85 14.55
C GLY B 558 14.10 30.76 14.83
N ALA B 559 14.31 32.04 14.55
CA ALA B 559 13.33 33.09 14.75
C ALA B 559 12.30 33.10 13.62
N ASN B 560 11.16 33.70 13.92
CA ASN B 560 10.10 33.94 12.95
C ASN B 560 10.23 35.28 12.24
N LEU B 561 11.27 36.06 12.56
CA LEU B 561 11.52 37.35 11.94
C LEU B 561 13.00 37.42 11.61
N ASN B 562 13.33 38.06 10.48
CA ASN B 562 14.73 38.16 10.07
C ASN B 562 15.55 38.92 11.11
N SER B 563 16.80 38.49 11.29
CA SER B 563 17.82 39.30 11.93
C SER B 563 17.70 40.73 11.41
N GLY B 564 17.80 41.68 12.33
CA GLY B 564 17.73 43.08 11.98
C GLY B 564 16.55 43.82 12.59
N GLN B 565 15.85 43.18 13.50
CA GLN B 565 14.68 43.79 14.13
C GLN B 565 15.12 44.82 15.17
N SER B 566 14.15 45.61 15.64
CA SER B 566 14.41 46.69 16.59
C SER B 566 14.26 46.17 18.02
N ALA B 567 15.03 46.77 18.93
CA ALA B 567 14.89 46.43 20.34
C ALA B 567 13.44 46.61 20.76
N GLY B 568 12.95 45.71 21.60
CA GLY B 568 11.57 45.72 22.02
C GLY B 568 10.62 44.90 21.17
N THR B 569 11.08 44.39 20.05
CA THR B 569 10.23 43.54 19.22
C THR B 569 10.15 42.15 19.81
N PRO B 570 8.97 41.66 20.20
CA PRO B 570 8.90 40.26 20.62
C PRO B 570 9.25 39.34 19.45
N ILE B 571 10.28 38.51 19.64
CA ILE B 571 10.79 37.59 18.64
C ILE B 571 10.43 36.18 19.10
N THR B 572 9.71 35.44 18.26
CA THR B 572 9.34 34.09 18.61
C THR B 572 10.39 33.13 18.09
N LEU B 573 11.06 32.42 19.01
CA LEU B 573 11.99 31.36 18.62
C LEU B 573 11.23 30.04 18.53
N LEU B 574 11.54 29.26 17.49
CA LEU B 574 10.81 28.04 17.20
C LEU B 574 11.77 26.90 16.99
N ALA B 575 11.32 25.69 17.31
CA ALA B 575 12.12 24.50 17.07
C ALA B 575 11.21 23.35 16.62
N GLU B 576 11.71 22.57 15.69
CA GLU B 576 11.04 21.41 15.15
C GLU B 576 12.05 20.27 15.16
N SER B 577 11.60 19.06 15.48
CA SER B 577 12.52 17.94 15.64
C SER B 577 12.27 16.88 14.57
N TYR B 578 13.36 16.27 14.12
CA TYR B 578 13.36 15.23 13.10
C TYR B 578 14.20 14.07 13.57
N HIS B 579 13.69 12.85 13.36
CA HIS B 579 14.38 11.63 13.76
C HIS B 579 14.72 11.63 15.24
N ALA B 580 13.84 12.24 16.03
CA ALA B 580 13.88 12.05 17.47
C ALA B 580 13.26 10.71 17.82
N THR B 581 13.88 10.01 18.77
CA THR B 581 13.29 8.82 19.37
C THR B 581 12.43 9.27 20.56
N GLY B 582 11.11 9.26 20.39
CA GLY B 582 10.21 9.62 21.45
C GLY B 582 10.08 11.12 21.61
N ASP B 583 9.60 11.51 22.78
CA ASP B 583 9.26 12.90 23.02
C ASP B 583 10.52 13.73 23.30
N VAL B 584 10.39 15.03 23.04
CA VAL B 584 11.53 15.94 23.02
C VAL B 584 11.29 17.15 23.92
N THR B 585 12.35 17.54 24.63
CA THR B 585 12.38 18.78 25.40
C THR B 585 13.45 19.71 24.87
N TYR B 586 13.17 21.02 25.00
CA TYR B 586 13.91 22.09 24.32
C TYR B 586 14.42 23.09 25.35
N SER B 587 15.72 23.37 25.33
CA SER B 587 16.31 24.45 26.10
C SER B 587 16.73 25.55 25.13
N PHE B 588 16.03 26.68 25.18
CA PHE B 588 16.33 27.84 24.35
C PHE B 588 17.32 28.75 25.07
N THR B 589 18.28 29.30 24.31
CA THR B 589 19.35 30.11 24.88
C THR B 589 19.55 31.41 24.11
N VAL B 590 19.95 32.45 24.85
CA VAL B 590 20.35 33.73 24.27
C VAL B 590 21.69 34.14 24.88
N ASN B 591 22.69 34.33 24.03
CA ASN B 591 24.06 34.61 24.48
C ASN B 591 24.49 33.58 25.52
N GLY B 592 24.21 32.30 25.21
CA GLY B 592 24.65 31.20 26.04
C GLY B 592 23.86 30.98 27.30
N GLU B 593 23.04 31.94 27.71
CA GLU B 593 22.26 31.83 28.93
C GLU B 593 20.91 31.21 28.60
N THR B 594 20.65 30.03 29.19
CA THR B 594 19.34 29.40 29.00
C THR B 594 18.23 30.34 29.44
N VAL B 595 17.21 30.47 28.59
CA VAL B 595 16.02 31.26 28.84
C VAL B 595 14.76 30.41 28.84
N GLN B 596 14.91 29.10 28.70
CA GLN B 596 13.79 28.16 28.73
C GLN B 596 14.30 26.72 28.58
N ASN B 597 13.58 25.75 29.17
CA ASN B 597 13.98 24.34 29.18
C ASN B 597 12.69 23.54 29.44
N SER B 598 12.03 23.14 28.37
CA SER B 598 10.67 22.64 28.52
C SER B 598 10.28 21.77 27.33
N ASN B 599 9.21 21.00 27.53
CA ASN B 599 8.62 20.24 26.44
C ASN B 599 8.14 21.14 25.31
N THR B 600 7.73 22.37 25.59
CA THR B 600 7.16 23.25 24.59
C THR B 600 8.23 23.65 23.58
N ASP B 601 7.78 23.84 22.34
CA ASP B 601 8.69 23.96 21.21
C ASP B 601 8.84 25.38 20.72
N SER B 602 8.57 26.35 21.57
CA SER B 602 8.64 27.74 21.18
C SER B 602 8.97 28.56 22.42
N CYS B 603 9.51 29.74 22.17
CA CYS B 603 10.02 30.58 23.25
C CYS B 603 9.94 32.01 22.76
N VAL B 604 9.40 32.90 23.58
CA VAL B 604 9.30 34.30 23.22
C VAL B 604 10.48 35.07 23.78
N TRP B 605 11.25 35.70 22.90
CA TRP B 605 12.44 36.46 23.27
C TRP B 605 12.26 37.92 22.86
N THR B 606 12.39 38.82 23.83
CA THR B 606 12.27 40.26 23.55
C THR B 606 13.57 40.99 23.89
N PRO B 607 14.45 41.22 22.91
CA PRO B 607 15.70 41.93 23.21
C PRO B 607 15.45 43.36 23.68
N SER B 608 16.21 43.73 24.74
CA SER B 608 16.16 45.08 25.29
C SER B 608 17.10 46.03 24.57
N ALA B 609 18.31 45.56 24.27
CA ALA B 609 19.38 46.42 23.80
C ALA B 609 19.86 46.03 22.40
N ASP B 610 20.45 46.99 21.72
CA ASP B 610 21.10 46.70 20.45
C ASP B 610 22.23 45.70 20.65
N GLY B 611 22.77 45.23 19.53
CA GLY B 611 23.92 44.35 19.52
C GLY B 611 23.68 43.10 18.71
N THR B 612 24.70 42.24 18.70
CA THR B 612 24.65 40.98 17.99
C THR B 612 24.46 39.86 19.01
N TYR B 613 23.37 39.11 18.88
CA TYR B 613 23.01 38.05 19.81
C TYR B 613 23.25 36.68 19.20
N SER B 614 23.55 35.72 20.06
CA SER B 614 23.65 34.31 19.68
C SER B 614 22.43 33.58 20.25
N ILE B 615 21.55 33.16 19.37
CA ILE B 615 20.33 32.46 19.77
C ILE B 615 20.51 30.99 19.46
N GLY B 616 19.99 30.14 20.35
CA GLY B 616 20.18 28.71 20.20
C GLY B 616 19.13 27.89 20.90
N VAL B 617 19.15 26.61 20.58
CA VAL B 617 18.33 25.62 21.26
C VAL B 617 19.14 24.35 21.42
N VAL B 618 18.88 23.64 22.52
CA VAL B 618 19.31 22.26 22.70
C VAL B 618 18.05 21.41 22.82
N ALA B 619 17.97 20.36 22.00
CA ALA B 619 16.86 19.43 22.10
C ALA B 619 17.38 18.13 22.68
N VAL B 620 16.57 17.51 23.55
CA VAL B 620 16.86 16.21 24.13
C VAL B 620 15.65 15.33 23.90
N ASP B 621 15.85 14.18 23.26
CA ASP B 621 14.74 13.27 23.05
C ASP B 621 14.68 12.29 24.22
N ALA B 622 13.85 11.26 24.09
CA ALA B 622 13.59 10.32 25.17
C ALA B 622 14.84 9.55 25.61
N ASN B 623 15.85 9.42 24.76
CA ASN B 623 17.00 8.58 25.07
C ASN B 623 18.26 9.38 25.30
N GLY B 624 18.13 10.67 25.60
CA GLY B 624 19.29 11.51 25.83
C GLY B 624 20.02 11.97 24.59
N ASN B 625 19.61 11.54 23.40
CA ASN B 625 20.18 12.09 22.17
C ASN B 625 19.98 13.60 22.17
N LYS B 626 20.95 14.33 21.64
CA LYS B 626 20.88 15.79 21.65
C LYS B 626 21.05 16.32 20.23
N ALA B 627 20.23 17.33 19.93
CA ALA B 627 20.29 18.11 18.71
C ALA B 627 20.39 19.57 19.09
N GLU B 628 21.35 20.27 18.49
CA GLU B 628 21.64 21.66 18.81
C GLU B 628 21.60 22.48 17.53
N SER B 629 21.29 23.75 17.69
CA SER B 629 21.43 24.71 16.60
C SER B 629 21.62 26.08 17.23
N THR B 630 22.53 26.85 16.68
CA THR B 630 22.82 28.18 17.16
C THR B 630 22.91 29.10 15.95
N LYS B 631 22.42 30.32 16.09
CA LYS B 631 22.45 31.28 15.00
C LYS B 631 22.71 32.67 15.54
N THR B 632 22.99 33.57 14.61
CA THR B 632 23.23 34.97 14.91
C THR B 632 21.97 35.77 14.63
N PHE B 633 21.69 36.71 15.52
CA PHE B 633 20.56 37.60 15.37
C PHE B 633 20.99 38.99 15.78
N VAL B 634 20.87 39.94 14.86
CA VAL B 634 21.38 41.29 15.05
C VAL B 634 20.22 42.22 15.35
N VAL B 635 20.37 43.04 16.39
CA VAL B 635 19.39 44.07 16.72
C VAL B 635 20.01 45.45 16.47
#